data_6C8E
# 
_entry.id   6C8E 
# 
_audit_conform.dict_name       mmcif_pdbx.dic 
_audit_conform.dict_version    5.391 
_audit_conform.dict_location   http://mmcif.pdb.org/dictionaries/ascii/mmcif_pdbx.dic 
# 
loop_
_database_2.database_id 
_database_2.database_code 
_database_2.pdbx_database_accession 
_database_2.pdbx_DOI 
PDB   6C8E         pdb_00006c8e 10.2210/pdb6c8e/pdb 
WWPDB D_1000232278 ?            ?                   
# 
loop_
_pdbx_audit_revision_history.ordinal 
_pdbx_audit_revision_history.data_content_type 
_pdbx_audit_revision_history.major_revision 
_pdbx_audit_revision_history.minor_revision 
_pdbx_audit_revision_history.revision_date 
1 'Structure model' 1 0 2018-05-30 
2 'Structure model' 1 1 2018-10-31 
3 'Structure model' 1 2 2019-11-20 
4 'Structure model' 1 3 2023-10-04 
5 'Structure model' 2 0 2024-05-01 
# 
_pdbx_audit_revision_details.ordinal             1 
_pdbx_audit_revision_details.revision_ordinal    1 
_pdbx_audit_revision_details.data_content_type   'Structure model' 
_pdbx_audit_revision_details.provider            repository 
_pdbx_audit_revision_details.type                'Initial release' 
_pdbx_audit_revision_details.description         ? 
_pdbx_audit_revision_details.details             ? 
# 
loop_
_pdbx_audit_revision_group.ordinal 
_pdbx_audit_revision_group.revision_ordinal 
_pdbx_audit_revision_group.data_content_type 
_pdbx_audit_revision_group.group 
1 2 'Structure model' 'Data collection'            
2 2 'Structure model' 'Database references'        
3 3 'Structure model' 'Author supporting evidence' 
4 4 'Structure model' 'Data collection'            
5 4 'Structure model' 'Database references'        
6 4 'Structure model' 'Refinement description'     
7 5 'Structure model' 'Derived calculations'       
8 5 'Structure model' 'Non-polymer description'    
9 5 'Structure model' 'Structure summary'          
# 
loop_
_pdbx_audit_revision_category.ordinal 
_pdbx_audit_revision_category.revision_ordinal 
_pdbx_audit_revision_category.data_content_type 
_pdbx_audit_revision_category.category 
1  2 'Structure model' citation                      
2  2 'Structure model' citation_author               
3  3 'Structure model' pdbx_audit_support            
4  4 'Structure model' chem_comp_atom                
5  4 'Structure model' chem_comp_bond                
6  4 'Structure model' database_2                    
7  4 'Structure model' pdbx_initial_refinement_model 
8  5 'Structure model' chem_comp                     
9  5 'Structure model' entity                        
10 5 'Structure model' pdbx_entity_nonpoly           
# 
loop_
_pdbx_audit_revision_item.ordinal 
_pdbx_audit_revision_item.revision_ordinal 
_pdbx_audit_revision_item.data_content_type 
_pdbx_audit_revision_item.item 
1  2 'Structure model' '_citation.page_first'                     
2  2 'Structure model' '_citation.pdbx_database_id_PubMed'        
3  2 'Structure model' '_citation.title'                          
4  2 'Structure model' '_citation_author.identifier_ORCID'        
5  3 'Structure model' '_pdbx_audit_support.funding_organization' 
6  4 'Structure model' '_database_2.pdbx_DOI'                     
7  4 'Structure model' '_database_2.pdbx_database_accession'      
8  5 'Structure model' '_chem_comp.formula'                       
9  5 'Structure model' '_chem_comp.name'                          
10 5 'Structure model' '_entity.pdbx_description'                 
11 5 'Structure model' '_pdbx_entity_nonpoly.name'                
# 
_pdbx_database_status.status_code                     REL 
_pdbx_database_status.status_code_sf                  REL 
_pdbx_database_status.status_code_mr                  ? 
_pdbx_database_status.entry_id                        6C8E 
_pdbx_database_status.recvd_initial_deposition_date   2018-01-24 
_pdbx_database_status.SG_entry                        N 
_pdbx_database_status.deposit_site                    RCSB 
_pdbx_database_status.process_site                    RCSB 
_pdbx_database_status.status_code_cs                  ? 
_pdbx_database_status.methods_development_category    ? 
_pdbx_database_status.pdb_format_compatible           Y 
_pdbx_database_status.status_code_nmr_data            ? 
# 
loop_
_audit_author.name 
_audit_author.pdbx_ordinal 
_audit_author.identifier_ORCID 
'Zhang, W.'     1 ? 
'Szostak, J.W.' 2 ? 
# 
_citation.abstract                  ? 
_citation.abstract_id_CAS           ? 
_citation.book_id_ISBN              ? 
_citation.book_publisher            ? 
_citation.book_publisher_city       ? 
_citation.book_title                ? 
_citation.coordinate_linkage        ? 
_citation.country                   US 
_citation.database_id_Medline       ? 
_citation.details                   ? 
_citation.id                        primary 
_citation.journal_abbrev            Elife 
_citation.journal_id_ASTM           ? 
_citation.journal_id_CSD            ? 
_citation.journal_id_ISSN           2050-084X 
_citation.journal_full              ? 
_citation.journal_issue             ? 
_citation.journal_volume            7 
_citation.language                  ? 
_citation.page_first                ? 
_citation.page_last                 ? 
_citation.title                     'Crystallographic observation of nonenzymatic RNA primer extension.' 
_citation.year                      2018 
_citation.database_id_CSD           ? 
_citation.pdbx_database_id_DOI      10.7554/eLife.36422 
_citation.pdbx_database_id_PubMed   29851379 
_citation.unpublished_flag          ? 
# 
loop_
_citation_author.citation_id 
_citation_author.name 
_citation_author.ordinal 
_citation_author.identifier_ORCID 
primary 'Zhang, W.'     1 0000-0003-4811-4384 
primary 'Walton, T.'    2 0000-0001-6812-1579 
primary 'Li, L.'        3 0000-0003-4766-5782 
primary 'Szostak, J.W.' 4 0000-0003-4131-1203 
# 
loop_
_entity.id 
_entity.type 
_entity.src_method 
_entity.pdbx_description 
_entity.formula_weight 
_entity.pdbx_number_of_molecules 
_entity.pdbx_ec 
_entity.pdbx_mutation 
_entity.pdbx_fragment 
_entity.details 
1 polymer     syn 
;RNA (5'-R(*(LCC)P*(LCC)P*(LCC)P*(LCG)P*AP*CP*UP*UP*AP*AP*GP*UP*CP*G)-3')
;
4512.804 2 ? ? ? ? 
2 non-polymer syn 
;2-amino-1-[(R)-{[(2R,3S,4R,5R)-5-(2-amino-6-oxo-1,6-dihydro-9H-purin-9-yl)-3,4-dihydroxyoxolan-2-yl]methoxy}(hydroxy)phosphoryl]-3-[(S)-{[(2R,3S,4R,5R)-5-(2-amino-6-oxo-1,6-dihydro-9H-purin-9-yl)-3,4-dihydroxyoxolan-2-yl]methoxy}(hydroxy)phosphoryl]-1H-imidazol-3-ium
;
774.511  2 ? ? ? ? 
3 water       nat water 18.015   4 ? ? ? ? 
# 
_entity_poly.entity_id                      1 
_entity_poly.type                           polyribonucleotide 
_entity_poly.nstd_linkage                   no 
_entity_poly.nstd_monomer                   yes 
_entity_poly.pdbx_seq_one_letter_code       '(LCC)(LCC)(LCC)(LCG)ACUUAAGUCG' 
_entity_poly.pdbx_seq_one_letter_code_can   NNNGACUUAAGUCG 
_entity_poly.pdbx_strand_id                 A,B 
_entity_poly.pdbx_target_identifier         ? 
# 
loop_
_pdbx_entity_nonpoly.entity_id 
_pdbx_entity_nonpoly.name 
_pdbx_entity_nonpoly.comp_id 
2 
;2-amino-1-[(R)-{[(2R,3S,4R,5R)-5-(2-amino-6-oxo-1,6-dihydro-9H-purin-9-yl)-3,4-dihydroxyoxolan-2-yl]methoxy}(hydroxy)phosphoryl]-3-[(S)-{[(2R,3S,4R,5R)-5-(2-amino-6-oxo-1,6-dihydro-9H-purin-9-yl)-3,4-dihydroxyoxolan-2-yl]methoxy}(hydroxy)phosphoryl]-1H-imidazol-3-ium
;
EQ1 
3 water HOH 
# 
loop_
_entity_poly_seq.entity_id 
_entity_poly_seq.num 
_entity_poly_seq.mon_id 
_entity_poly_seq.hetero 
1 1  LCC n 
1 2  LCC n 
1 3  LCC n 
1 4  LCG n 
1 5  A   n 
1 6  C   n 
1 7  U   n 
1 8  U   n 
1 9  A   n 
1 10 A   n 
1 11 G   n 
1 12 U   n 
1 13 C   n 
1 14 G   n 
# 
_pdbx_entity_src_syn.entity_id              1 
_pdbx_entity_src_syn.pdbx_src_id            1 
_pdbx_entity_src_syn.pdbx_alt_source_flag   sample 
_pdbx_entity_src_syn.pdbx_beg_seq_num       1 
_pdbx_entity_src_syn.pdbx_end_seq_num       14 
_pdbx_entity_src_syn.organism_scientific    'synthetic construct' 
_pdbx_entity_src_syn.organism_common_name   ? 
_pdbx_entity_src_syn.ncbi_taxonomy_id       32630 
_pdbx_entity_src_syn.details                ? 
# 
loop_
_chem_comp.id 
_chem_comp.type 
_chem_comp.mon_nstd_flag 
_chem_comp.name 
_chem_comp.pdbx_synonyms 
_chem_comp.formula 
_chem_comp.formula_weight 
A   'RNA linking' y "ADENOSINE-5'-MONOPHOSPHATE" ? 'C10 H14 N5 O7 P'      347.221 
C   'RNA linking' y "CYTIDINE-5'-MONOPHOSPHATE" ? 'C9 H14 N3 O8 P'       323.197 
EQ1 non-polymer   . 
;2-amino-1-[(R)-{[(2R,3S,4R,5R)-5-(2-amino-6-oxo-1,6-dihydro-9H-purin-9-yl)-3,4-dihydroxyoxolan-2-yl]methoxy}(hydroxy)phosphoryl]-3-[(S)-{[(2R,3S,4R,5R)-5-(2-amino-6-oxo-1,6-dihydro-9H-purin-9-yl)-3,4-dihydroxyoxolan-2-yl]methoxy}(hydroxy)phosphoryl]-1H-imidazol-3-ium
;
? 'C23 H30 N13 O14 P2 1' 774.511 
G   'RNA linking' y "GUANOSINE-5'-MONOPHOSPHATE" ? 'C10 H14 N5 O8 P'      363.221 
HOH non-polymer   . WATER ? 'H2 O'                 18.015  
LCC 'RNA linking' . 
'[(1R,3R,4R,7S)-7-HYDROXY-3-(5-METHYLCYTOSIN-1-YL)-2,5-DIOXABICYCLO[2.2.1]HEPT-1-YL]METHYL DIHYDROGEN PHOSPHATE' ? 
'C11 H16 N3 O8 P'      349.234 
LCG 'RNA linking' n '[(1R,3R,4R,7S)-7-HYDROXY-3-(GUANIN-9-YL)-2,5-DIOXABICYCLO[2.2.1]HEPT-1-YL]METHYL DIHYDROGEN PHOSPHATE' ? 
'C11 H14 N5 O8 P'      375.231 
U   'RNA linking' y "URIDINE-5'-MONOPHOSPHATE" ? 'C9 H13 N2 O9 P'       324.181 
# 
loop_
_pdbx_poly_seq_scheme.asym_id 
_pdbx_poly_seq_scheme.entity_id 
_pdbx_poly_seq_scheme.seq_id 
_pdbx_poly_seq_scheme.mon_id 
_pdbx_poly_seq_scheme.ndb_seq_num 
_pdbx_poly_seq_scheme.pdb_seq_num 
_pdbx_poly_seq_scheme.auth_seq_num 
_pdbx_poly_seq_scheme.pdb_mon_id 
_pdbx_poly_seq_scheme.auth_mon_id 
_pdbx_poly_seq_scheme.pdb_strand_id 
_pdbx_poly_seq_scheme.pdb_ins_code 
_pdbx_poly_seq_scheme.hetero 
A 1 1  LCC 1  1  1  LCC LCC A . n 
A 1 2  LCC 2  2  2  LCC LCC A . n 
A 1 3  LCC 3  3  3  LCC LCC A . n 
A 1 4  LCG 4  4  4  LCG LCG A . n 
A 1 5  A   5  5  5  A   A   A . n 
A 1 6  C   6  6  6  C   C   A . n 
A 1 7  U   7  7  7  U   U   A . n 
A 1 8  U   8  8  8  U   U   A . n 
A 1 9  A   9  9  9  A   A   A . n 
A 1 10 A   10 10 10 A   A   A . n 
A 1 11 G   11 11 11 G   G   A . n 
A 1 12 U   12 12 12 U   U   A . n 
A 1 13 C   13 13 13 C   C   A . n 
A 1 14 G   14 14 14 G   G   A . n 
B 1 1  LCC 1  1  1  LCC LCC B . n 
B 1 2  LCC 2  2  2  LCC LCC B . n 
B 1 3  LCC 3  3  3  LCC LCC B . n 
B 1 4  LCG 4  4  4  LCG LCG B . n 
B 1 5  A   5  5  5  A   A   B . n 
B 1 6  C   6  6  6  C   C   B . n 
B 1 7  U   7  7  7  U   U   B . n 
B 1 8  U   8  8  8  U   U   B . n 
B 1 9  A   9  9  9  A   A   B . n 
B 1 10 A   10 10 10 A   A   B . n 
B 1 11 G   11 11 11 G   G   B . n 
B 1 12 U   12 12 12 U   U   B . n 
B 1 13 C   13 13 13 C   C   B . n 
B 1 14 G   14 14 14 G   G   B . n 
# 
loop_
_pdbx_nonpoly_scheme.asym_id 
_pdbx_nonpoly_scheme.entity_id 
_pdbx_nonpoly_scheme.mon_id 
_pdbx_nonpoly_scheme.ndb_seq_num 
_pdbx_nonpoly_scheme.pdb_seq_num 
_pdbx_nonpoly_scheme.auth_seq_num 
_pdbx_nonpoly_scheme.pdb_mon_id 
_pdbx_nonpoly_scheme.auth_mon_id 
_pdbx_nonpoly_scheme.pdb_strand_id 
_pdbx_nonpoly_scheme.pdb_ins_code 
C 2 EQ1 1 101 2 EQ1 GIM A . 
D 2 EQ1 1 101 1 EQ1 GIM B . 
E 3 HOH 1 201 1 HOH HOH A . 
E 3 HOH 2 202 2 HOH HOH A . 
E 3 HOH 3 203 4 HOH HOH A . 
F 3 HOH 1 201 3 HOH HOH B . 
# 
loop_
_software.citation_id 
_software.classification 
_software.compiler_name 
_software.compiler_version 
_software.contact_author 
_software.contact_author_email 
_software.date 
_software.description 
_software.dependencies 
_software.hardware 
_software.language 
_software.location 
_software.mods 
_software.name 
_software.os 
_software.os_version 
_software.type 
_software.version 
_software.pdbx_ordinal 
? refinement       ? ? ? ? ? ? ? ? ? ? ? REFMAC   ? ? ? 5.8.0158 1 
? 'data reduction' ? ? ? ? ? ? ? ? ? ? ? HKL-2000 ? ? ? .        2 
? 'data scaling'   ? ? ? ? ? ? ? ? ? ? ? HKL-2000 ? ? ? .        3 
? phasing          ? ? ? ? ? ? ? ? ? ? ? PHASER   ? ? ? .        4 
# 
_cell.entry_id           6C8E 
_cell.length_a           49.023 
_cell.length_b           49.023 
_cell.length_c           81.317 
_cell.angle_alpha        90.00 
_cell.angle_beta         90.00 
_cell.angle_gamma        120.00 
_cell.Z_PDB              12 
_cell.pdbx_unique_axis   ? 
# 
_symmetry.entry_id                         6C8E 
_symmetry.space_group_name_H-M             'P 3 2 1' 
_symmetry.pdbx_full_space_group_name_H-M   ? 
_symmetry.cell_setting                     ? 
_symmetry.Int_Tables_number                150 
# 
_exptl.absorpt_coefficient_mu     ? 
_exptl.absorpt_correction_T_max   ? 
_exptl.absorpt_correction_T_min   ? 
_exptl.absorpt_correction_type    ? 
_exptl.absorpt_process_details    ? 
_exptl.entry_id                   6C8E 
_exptl.crystals_number            1 
_exptl.details                    ? 
_exptl.method                     'X-RAY DIFFRACTION' 
_exptl.method_details             ? 
# 
_exptl_crystal.colour                      ? 
_exptl_crystal.density_diffrn              ? 
_exptl_crystal.density_Matthews            2.91 
_exptl_crystal.density_method              ? 
_exptl_crystal.density_percent_sol         57.75 
_exptl_crystal.description                 ? 
_exptl_crystal.F_000                       ? 
_exptl_crystal.id                          1 
_exptl_crystal.preparation                 ? 
_exptl_crystal.size_max                    ? 
_exptl_crystal.size_mid                    ? 
_exptl_crystal.size_min                    ? 
_exptl_crystal.size_rad                    ? 
_exptl_crystal.colour_lustre               ? 
_exptl_crystal.colour_modifier             ? 
_exptl_crystal.colour_primary              ? 
_exptl_crystal.density_meas                ? 
_exptl_crystal.density_meas_esd            ? 
_exptl_crystal.density_meas_gt             ? 
_exptl_crystal.density_meas_lt             ? 
_exptl_crystal.density_meas_temp           ? 
_exptl_crystal.density_meas_temp_esd       ? 
_exptl_crystal.density_meas_temp_gt        ? 
_exptl_crystal.density_meas_temp_lt        ? 
_exptl_crystal.pdbx_crystal_image_url      ? 
_exptl_crystal.pdbx_crystal_image_format   ? 
_exptl_crystal.pdbx_mosaicity              ? 
_exptl_crystal.pdbx_mosaicity_esd          ? 
# 
_exptl_crystal_grow.apparatus       ? 
_exptl_crystal_grow.atmosphere      ? 
_exptl_crystal_grow.crystal_id      1 
_exptl_crystal_grow.details         ? 
_exptl_crystal_grow.method          'VAPOR DIFFUSION, HANGING DROP' 
_exptl_crystal_grow.method_ref      ? 
_exptl_crystal_grow.pH              7.0 
_exptl_crystal_grow.pressure        ? 
_exptl_crystal_grow.pressure_esd    ? 
_exptl_crystal_grow.seeding         ? 
_exptl_crystal_grow.seeding_ref     ? 
_exptl_crystal_grow.temp            291 
_exptl_crystal_grow.temp_details    ? 
_exptl_crystal_grow.temp_esd        ? 
_exptl_crystal_grow.time            ? 
_exptl_crystal_grow.pdbx_details    
;10% v/v (+/-)-2-Methyl-2,4-pentanediol, 0.040 M Sodium cacodylate trihydrate pH 7.0, 0.012 M Spermine tetrahydrochloride, 0.080 M Sodium chloride
;
_exptl_crystal_grow.pdbx_pH_range   ? 
# 
_diffrn.ambient_environment    ? 
_diffrn.ambient_temp           99 
_diffrn.ambient_temp_details   ? 
_diffrn.ambient_temp_esd       ? 
_diffrn.crystal_id             1 
_diffrn.crystal_support        ? 
_diffrn.crystal_treatment      ? 
_diffrn.details                ? 
_diffrn.id                     1 
_diffrn.ambient_pressure       ? 
_diffrn.ambient_pressure_esd   ? 
_diffrn.ambient_pressure_gt    ? 
_diffrn.ambient_pressure_lt    ? 
_diffrn.ambient_temp_gt        ? 
_diffrn.ambient_temp_lt        ? 
# 
_diffrn_detector.details                      ? 
_diffrn_detector.detector                     CCD 
_diffrn_detector.diffrn_id                    1 
_diffrn_detector.type                         'MAR CCD 130 mm' 
_diffrn_detector.area_resol_mean              ? 
_diffrn_detector.dtime                        ? 
_diffrn_detector.pdbx_frames_total            ? 
_diffrn_detector.pdbx_collection_time_total   ? 
_diffrn_detector.pdbx_collection_date         2017-04-04 
# 
_diffrn_radiation.collimation                      ? 
_diffrn_radiation.diffrn_id                        1 
_diffrn_radiation.filter_edge                      ? 
_diffrn_radiation.inhomogeneity                    ? 
_diffrn_radiation.monochromator                    ? 
_diffrn_radiation.polarisn_norm                    ? 
_diffrn_radiation.polarisn_ratio                   ? 
_diffrn_radiation.probe                            ? 
_diffrn_radiation.type                             ? 
_diffrn_radiation.xray_symbol                      ? 
_diffrn_radiation.wavelength_id                    1 
_diffrn_radiation.pdbx_monochromatic_or_laue_m_l   M 
_diffrn_radiation.pdbx_wavelength_list             ? 
_diffrn_radiation.pdbx_wavelength                  ? 
_diffrn_radiation.pdbx_diffrn_protocol             'SINGLE WAVELENGTH' 
_diffrn_radiation.pdbx_analyzer                    ? 
_diffrn_radiation.pdbx_scattering_type             x-ray 
# 
_diffrn_radiation_wavelength.id           1 
_diffrn_radiation_wavelength.wavelength   1 
_diffrn_radiation_wavelength.wt           1.0 
# 
_diffrn_source.current                     ? 
_diffrn_source.details                     ? 
_diffrn_source.diffrn_id                   1 
_diffrn_source.power                       ? 
_diffrn_source.size                        ? 
_diffrn_source.source                      SYNCHROTRON 
_diffrn_source.target                      ? 
_diffrn_source.type                        'ALS BEAMLINE 8.2.2' 
_diffrn_source.voltage                     ? 
_diffrn_source.take-off_angle              ? 
_diffrn_source.pdbx_wavelength_list        1 
_diffrn_source.pdbx_wavelength             ? 
_diffrn_source.pdbx_synchrotron_beamline   8.2.2 
_diffrn_source.pdbx_synchrotron_site       ALS 
# 
_reflns.B_iso_Wilson_estimate            ? 
_reflns.entry_id                         6C8E 
_reflns.data_reduction_details           ? 
_reflns.data_reduction_method            ? 
_reflns.d_resolution_high                1.80 
_reflns.d_resolution_low                 50 
_reflns.details                          ? 
_reflns.limit_h_max                      ? 
_reflns.limit_h_min                      ? 
_reflns.limit_k_max                      ? 
_reflns.limit_k_min                      ? 
_reflns.limit_l_max                      ? 
_reflns.limit_l_min                      ? 
_reflns.number_all                       ? 
_reflns.number_obs                       10695 
_reflns.observed_criterion               ? 
_reflns.observed_criterion_F_max         ? 
_reflns.observed_criterion_F_min         ? 
_reflns.observed_criterion_I_max         ? 
_reflns.observed_criterion_I_min         ? 
_reflns.observed_criterion_sigma_F       ? 
_reflns.observed_criterion_sigma_I       ? 
_reflns.percent_possible_obs             97.7 
_reflns.R_free_details                   ? 
_reflns.Rmerge_F_all                     ? 
_reflns.Rmerge_F_obs                     ? 
_reflns.Friedel_coverage                 ? 
_reflns.number_gt                        ? 
_reflns.threshold_expression             ? 
_reflns.pdbx_redundancy                  10.1 
_reflns.pdbx_Rmerge_I_obs                0.098 
_reflns.pdbx_Rmerge_I_all                ? 
_reflns.pdbx_Rsym_value                  ? 
_reflns.pdbx_netI_over_av_sigmaI         ? 
_reflns.pdbx_netI_over_sigmaI            20.6 
_reflns.pdbx_res_netI_over_av_sigmaI_2   ? 
_reflns.pdbx_res_netI_over_sigmaI_2      ? 
_reflns.pdbx_chi_squared                 1.357 
_reflns.pdbx_scaling_rejects             ? 
_reflns.pdbx_d_res_high_opt              ? 
_reflns.pdbx_d_res_low_opt               ? 
_reflns.pdbx_d_res_opt_method            ? 
_reflns.phase_calculation_details        ? 
_reflns.pdbx_Rrim_I_all                  0.103 
_reflns.pdbx_Rpim_I_all                  0.033 
_reflns.pdbx_d_opt                       ? 
_reflns.pdbx_number_measured_all         ? 
_reflns.pdbx_diffrn_id                   1 
_reflns.pdbx_ordinal                     1 
_reflns.pdbx_CC_half                     0.979 
_reflns.pdbx_R_split                     ? 
# 
_reflns_shell.d_res_high                  1.80 
_reflns_shell.d_res_low                   1.86 
_reflns_shell.meanI_over_sigI_all         ? 
_reflns_shell.meanI_over_sigI_obs         2.95 
_reflns_shell.number_measured_all         ? 
_reflns_shell.number_measured_obs         ? 
_reflns_shell.number_possible             ? 
_reflns_shell.number_unique_all           ? 
_reflns_shell.number_unique_obs           1051 
_reflns_shell.percent_possible_all        100 
_reflns_shell.percent_possible_obs        ? 
_reflns_shell.Rmerge_F_all                ? 
_reflns_shell.Rmerge_F_obs                ? 
_reflns_shell.Rmerge_I_all                ? 
_reflns_shell.Rmerge_I_obs                0.713 
_reflns_shell.meanI_over_sigI_gt          ? 
_reflns_shell.meanI_over_uI_all           ? 
_reflns_shell.meanI_over_uI_gt            ? 
_reflns_shell.number_measured_gt          ? 
_reflns_shell.number_unique_gt            ? 
_reflns_shell.percent_possible_gt         ? 
_reflns_shell.Rmerge_F_gt                 ? 
_reflns_shell.Rmerge_I_gt                 ? 
_reflns_shell.pdbx_redundancy             9.9 
_reflns_shell.pdbx_Rsym_value             ? 
_reflns_shell.pdbx_chi_squared            0.612 
_reflns_shell.pdbx_netI_over_sigmaI_all   ? 
_reflns_shell.pdbx_netI_over_sigmaI_obs   ? 
_reflns_shell.pdbx_Rrim_I_all             0.752 
_reflns_shell.pdbx_Rpim_I_all             0.236 
_reflns_shell.pdbx_rejects                ? 
_reflns_shell.pdbx_ordinal                1 
_reflns_shell.pdbx_diffrn_id              1 
_reflns_shell.pdbx_CC_half                0.984 
_reflns_shell.pdbx_R_split                ? 
# 
_refine.pdbx_refine_id                           'X-RAY DIFFRACTION' 
_refine.entry_id                                 6C8E 
_refine.pdbx_diffrn_id                           1 
_refine.pdbx_TLS_residual_ADP_flag               ? 
_refine.ls_number_reflns_obs                     10123 
_refine.ls_number_reflns_all                     ? 
_refine.pdbx_ls_sigma_I                          ? 
_refine.pdbx_ls_sigma_F                          ? 
_refine.pdbx_data_cutoff_high_absF               ? 
_refine.pdbx_data_cutoff_low_absF                ? 
_refine.pdbx_data_cutoff_high_rms_absF           ? 
_refine.ls_d_res_low                             42.46 
_refine.ls_d_res_high                            1.80 
_refine.ls_percent_reflns_obs                    97.41 
_refine.ls_R_factor_obs                          0.26822 
_refine.ls_R_factor_all                          ? 
_refine.ls_R_factor_R_work                       0.26709 
_refine.ls_R_factor_R_free                       0.28970 
_refine.ls_R_factor_R_free_error                 ? 
_refine.ls_R_factor_R_free_error_details         ? 
_refine.ls_percent_reflns_R_free                 5.3 
_refine.ls_number_reflns_R_free                  565 
_refine.ls_number_parameters                     ? 
_refine.ls_number_restraints                     ? 
_refine.occupancy_min                            ? 
_refine.occupancy_max                            ? 
_refine.correlation_coeff_Fo_to_Fc               0.948 
_refine.correlation_coeff_Fo_to_Fc_free          0.942 
_refine.B_iso_mean                               52.894 
_refine.aniso_B[1][1]                            1.23 
_refine.aniso_B[2][2]                            1.23 
_refine.aniso_B[3][3]                            -2.46 
_refine.aniso_B[1][2]                            0.00 
_refine.aniso_B[1][3]                            0.00 
_refine.aniso_B[2][3]                            0.00 
_refine.solvent_model_details                    MASK 
_refine.solvent_model_param_ksol                 ? 
_refine.solvent_model_param_bsol                 ? 
_refine.pdbx_solvent_vdw_probe_radii             1.20 
_refine.pdbx_solvent_ion_probe_radii             0.80 
_refine.pdbx_solvent_shrinkage_radii             0.80 
_refine.pdbx_ls_cross_valid_method               THROUGHOUT 
_refine.details                                  'HYDROGENS HAVE BEEN ADDED IN THE RIDING POSITIONS' 
_refine.pdbx_starting_model                      5DHC 
_refine.pdbx_method_to_determine_struct          'MOLECULAR REPLACEMENT' 
_refine.pdbx_isotropic_thermal_model             ? 
_refine.pdbx_stereochemistry_target_values       'MAXIMUM LIKELIHOOD' 
_refine.pdbx_stereochem_target_val_spec_case     ? 
_refine.pdbx_R_Free_selection_details            RANDOM 
_refine.pdbx_overall_ESU_R                       0.033 
_refine.pdbx_overall_ESU_R_Free                  0.030 
_refine.overall_SU_ML                            0.134 
_refine.pdbx_overall_phase_error                 ? 
_refine.overall_SU_B                             4.996 
_refine.overall_SU_R_Cruickshank_DPI             ? 
_refine.pdbx_overall_SU_R_free_Cruickshank_DPI   ? 
_refine.pdbx_overall_SU_R_Blow_DPI               ? 
_refine.pdbx_overall_SU_R_free_Blow_DPI          ? 
# 
_refine_hist.pdbx_refine_id                   'X-RAY DIFFRACTION' 
_refine_hist.cycle_id                         1 
_refine_hist.pdbx_number_atoms_protein        0 
_refine_hist.pdbx_number_atoms_nucleic_acid   598 
_refine_hist.pdbx_number_atoms_ligand         104 
_refine_hist.number_atoms_solvent             4 
_refine_hist.number_atoms_total               706 
_refine_hist.d_res_high                       1.80 
_refine_hist.d_res_low                        42.46 
# 
loop_
_refine_ls_restr.type 
_refine_ls_restr.dev_ideal 
_refine_ls_restr.dev_ideal_target 
_refine_ls_restr.weight 
_refine_ls_restr.number 
_refine_ls_restr.pdbx_refine_id 
_refine_ls_restr.pdbx_restraint_function 
r_bond_refined_d             0.028 0.017  ? 780  'X-RAY DIFFRACTION' ? 
r_bond_other_d               0.058 0.024  ? 320  'X-RAY DIFFRACTION' ? 
r_angle_refined_deg          3.250 1.999  ? 1210 'X-RAY DIFFRACTION' ? 
r_angle_other_deg            4.224 3.228  ? 792  'X-RAY DIFFRACTION' ? 
r_dihedral_angle_1_deg       ?     ?      ? ?    'X-RAY DIFFRACTION' ? 
r_dihedral_angle_2_deg       ?     ?      ? ?    'X-RAY DIFFRACTION' ? 
r_dihedral_angle_3_deg       ?     ?      ? ?    'X-RAY DIFFRACTION' ? 
r_dihedral_angle_4_deg       ?     ?      ? ?    'X-RAY DIFFRACTION' ? 
r_chiral_restr               0.192 0.200  ? 138  'X-RAY DIFFRACTION' ? 
r_gen_planes_refined         0.018 0.020  ? 380  'X-RAY DIFFRACTION' ? 
r_gen_planes_other           0.003 0.020  ? 124  'X-RAY DIFFRACTION' ? 
r_nbd_refined                ?     ?      ? ?    'X-RAY DIFFRACTION' ? 
r_nbd_other                  ?     ?      ? ?    'X-RAY DIFFRACTION' ? 
r_nbtor_refined              ?     ?      ? ?    'X-RAY DIFFRACTION' ? 
r_nbtor_other                ?     ?      ? ?    'X-RAY DIFFRACTION' ? 
r_xyhbond_nbd_refined        ?     ?      ? ?    'X-RAY DIFFRACTION' ? 
r_xyhbond_nbd_other          ?     ?      ? ?    'X-RAY DIFFRACTION' ? 
r_metal_ion_refined          ?     ?      ? ?    'X-RAY DIFFRACTION' ? 
r_metal_ion_other            ?     ?      ? ?    'X-RAY DIFFRACTION' ? 
r_symmetry_vdw_refined       ?     ?      ? ?    'X-RAY DIFFRACTION' ? 
r_symmetry_vdw_other         ?     ?      ? ?    'X-RAY DIFFRACTION' ? 
r_symmetry_hbond_refined     ?     ?      ? ?    'X-RAY DIFFRACTION' ? 
r_symmetry_hbond_other       ?     ?      ? ?    'X-RAY DIFFRACTION' ? 
r_symmetry_metal_ion_refined ?     ?      ? ?    'X-RAY DIFFRACTION' ? 
r_symmetry_metal_ion_other   ?     ?      ? ?    'X-RAY DIFFRACTION' ? 
r_mcbond_it                  ?     ?      ? ?    'X-RAY DIFFRACTION' ? 
r_mcbond_other               ?     ?      ? ?    'X-RAY DIFFRACTION' ? 
r_mcangle_it                 ?     ?      ? ?    'X-RAY DIFFRACTION' ? 
r_mcangle_other              ?     ?      ? ?    'X-RAY DIFFRACTION' ? 
r_scbond_it                  6.606 5.777  ? 778  'X-RAY DIFFRACTION' ? 
r_scbond_other               6.603 5.778  ? 779  'X-RAY DIFFRACTION' ? 
r_scangle_it                 ?     ?      ? ?    'X-RAY DIFFRACTION' ? 
r_scangle_other              8.202 8.679  ? 1210 'X-RAY DIFFRACTION' ? 
r_long_range_B_refined       9.453 54.580 ? 1124 'X-RAY DIFFRACTION' ? 
r_long_range_B_other         9.457 54.564 ? 1125 'X-RAY DIFFRACTION' ? 
r_rigid_bond_restr           ?     ?      ? ?    'X-RAY DIFFRACTION' ? 
r_sphericity_free            ?     ?      ? ?    'X-RAY DIFFRACTION' ? 
r_sphericity_bonded          ?     ?      ? ?    'X-RAY DIFFRACTION' ? 
# 
_refine_ls_shell.pdbx_refine_id                   'X-RAY DIFFRACTION' 
_refine_ls_shell.pdbx_total_number_of_bins_used   20 
_refine_ls_shell.d_res_high                       1.800 
_refine_ls_shell.d_res_low                        1.847 
_refine_ls_shell.number_reflns_R_work             756 
_refine_ls_shell.R_factor_R_work                  0.316 
_refine_ls_shell.percent_reflns_obs               99.87 
_refine_ls_shell.R_factor_R_free                  0.353 
_refine_ls_shell.R_factor_R_free_error            ? 
_refine_ls_shell.percent_reflns_R_free            ? 
_refine_ls_shell.number_reflns_R_free             37 
_refine_ls_shell.number_reflns_all                ? 
_refine_ls_shell.R_factor_all                     ? 
_refine_ls_shell.R_factor_obs                     ? 
_refine_ls_shell.number_reflns_obs                ? 
# 
_struct.entry_id                     6C8E 
_struct.title                        'RNA-imidazolium-bridged intermediate complex, 4h soaking' 
_struct.pdbx_model_details           ? 
_struct.pdbx_formula_weight          ? 
_struct.pdbx_formula_weight_method   ? 
_struct.pdbx_model_type_details      ? 
_struct.pdbx_CASP_flag               N 
# 
_struct_keywords.entry_id        6C8E 
_struct_keywords.text            'RNA, intermediate, dinucleotide' 
_struct_keywords.pdbx_keywords   RNA 
# 
loop_
_struct_asym.id 
_struct_asym.pdbx_blank_PDB_chainid_flag 
_struct_asym.pdbx_modified 
_struct_asym.entity_id 
_struct_asym.details 
A N N 1 ? 
B N N 1 ? 
C N N 2 ? 
D N N 2 ? 
E N N 3 ? 
F N N 3 ? 
# 
_struct_ref.id                         1 
_struct_ref.db_name                    PDB 
_struct_ref.db_code                    6C8E 
_struct_ref.pdbx_db_accession          6C8E 
_struct_ref.pdbx_db_isoform            ? 
_struct_ref.entity_id                  1 
_struct_ref.pdbx_seq_one_letter_code   ? 
_struct_ref.pdbx_align_begin           1 
# 
loop_
_struct_ref_seq.align_id 
_struct_ref_seq.ref_id 
_struct_ref_seq.pdbx_PDB_id_code 
_struct_ref_seq.pdbx_strand_id 
_struct_ref_seq.seq_align_beg 
_struct_ref_seq.pdbx_seq_align_beg_ins_code 
_struct_ref_seq.seq_align_end 
_struct_ref_seq.pdbx_seq_align_end_ins_code 
_struct_ref_seq.pdbx_db_accession 
_struct_ref_seq.db_align_beg 
_struct_ref_seq.pdbx_db_align_beg_ins_code 
_struct_ref_seq.db_align_end 
_struct_ref_seq.pdbx_db_align_end_ins_code 
_struct_ref_seq.pdbx_auth_seq_align_beg 
_struct_ref_seq.pdbx_auth_seq_align_end 
1 1 6C8E A 1 ? 14 ? 6C8E 1 ? 14 ? 1 14 
2 1 6C8E B 1 ? 14 ? 6C8E 1 ? 14 ? 1 14 
# 
_pdbx_struct_assembly.id                   1 
_pdbx_struct_assembly.details              author_and_software_defined_assembly 
_pdbx_struct_assembly.method_details       PISA 
_pdbx_struct_assembly.oligomeric_details   dimeric 
_pdbx_struct_assembly.oligomeric_count     2 
# 
loop_
_pdbx_struct_assembly_prop.biol_id 
_pdbx_struct_assembly_prop.type 
_pdbx_struct_assembly_prop.value 
_pdbx_struct_assembly_prop.details 
1 'ABSA (A^2)' 2700 ? 
1 MORE         9    ? 
1 'SSA (A^2)'  5800 ? 
# 
_pdbx_struct_assembly_gen.assembly_id       1 
_pdbx_struct_assembly_gen.oper_expression   1 
_pdbx_struct_assembly_gen.asym_id_list      A,B,C,D,E,F 
# 
_pdbx_struct_assembly_auth_evidence.id                     1 
_pdbx_struct_assembly_auth_evidence.assembly_id            1 
_pdbx_struct_assembly_auth_evidence.experimental_support   none 
_pdbx_struct_assembly_auth_evidence.details                ? 
# 
_pdbx_struct_oper_list.id                   1 
_pdbx_struct_oper_list.type                 'identity operation' 
_pdbx_struct_oper_list.name                 1_555 
_pdbx_struct_oper_list.symmetry_operation   x,y,z 
_pdbx_struct_oper_list.matrix[1][1]         1.0000000000 
_pdbx_struct_oper_list.matrix[1][2]         0.0000000000 
_pdbx_struct_oper_list.matrix[1][3]         0.0000000000 
_pdbx_struct_oper_list.vector[1]            0.0000000000 
_pdbx_struct_oper_list.matrix[2][1]         0.0000000000 
_pdbx_struct_oper_list.matrix[2][2]         1.0000000000 
_pdbx_struct_oper_list.matrix[2][3]         0.0000000000 
_pdbx_struct_oper_list.vector[2]            0.0000000000 
_pdbx_struct_oper_list.matrix[3][1]         0.0000000000 
_pdbx_struct_oper_list.matrix[3][2]         0.0000000000 
_pdbx_struct_oper_list.matrix[3][3]         1.0000000000 
_pdbx_struct_oper_list.vector[3]            0.0000000000 
# 
loop_
_struct_conn.id 
_struct_conn.conn_type_id 
_struct_conn.pdbx_leaving_atom_flag 
_struct_conn.pdbx_PDB_id 
_struct_conn.ptnr1_label_asym_id 
_struct_conn.ptnr1_label_comp_id 
_struct_conn.ptnr1_label_seq_id 
_struct_conn.ptnr1_label_atom_id 
_struct_conn.pdbx_ptnr1_label_alt_id 
_struct_conn.pdbx_ptnr1_PDB_ins_code 
_struct_conn.pdbx_ptnr1_standard_comp_id 
_struct_conn.ptnr1_symmetry 
_struct_conn.ptnr2_label_asym_id 
_struct_conn.ptnr2_label_comp_id 
_struct_conn.ptnr2_label_seq_id 
_struct_conn.ptnr2_label_atom_id 
_struct_conn.pdbx_ptnr2_label_alt_id 
_struct_conn.pdbx_ptnr2_PDB_ins_code 
_struct_conn.ptnr1_auth_asym_id 
_struct_conn.ptnr1_auth_comp_id 
_struct_conn.ptnr1_auth_seq_id 
_struct_conn.ptnr2_auth_asym_id 
_struct_conn.ptnr2_auth_comp_id 
_struct_conn.ptnr2_auth_seq_id 
_struct_conn.ptnr2_symmetry 
_struct_conn.pdbx_ptnr3_label_atom_id 
_struct_conn.pdbx_ptnr3_label_seq_id 
_struct_conn.pdbx_ptnr3_label_comp_id 
_struct_conn.pdbx_ptnr3_label_asym_id 
_struct_conn.pdbx_ptnr3_label_alt_id 
_struct_conn.pdbx_ptnr3_PDB_ins_code 
_struct_conn.details 
_struct_conn.pdbx_dist_value 
_struct_conn.pdbx_value_order 
_struct_conn.pdbx_role 
covale1  covale both ? A LCC 1  "O3'" ? ? ? 1_555 A LCC 2  P  ? ? A LCC 1  A LCC 2  1_555 ? ? ? ? ? ? ?            1.645 ? ? 
covale2  covale both ? A LCC 2  "O3'" ? ? ? 1_555 A LCC 3  P  ? ? A LCC 2  A LCC 3  1_555 ? ? ? ? ? ? ?            1.659 ? ? 
covale3  covale both ? A LCC 3  "O3'" ? ? ? 1_555 A LCG 4  P  ? ? A LCC 3  A LCG 4  1_555 ? ? ? ? ? ? ?            1.684 ? ? 
covale4  covale both ? A LCG 4  "O3'" ? ? ? 1_555 A A   5  P  ? ? A LCG 4  A A   5  1_555 ? ? ? ? ? ? ?            1.701 ? ? 
covale5  covale both ? B LCC 1  "O3'" ? ? ? 1_555 B LCC 2  P  ? ? B LCC 1  B LCC 2  1_555 ? ? ? ? ? ? ?            1.698 ? ? 
covale6  covale both ? B LCC 2  "O3'" ? ? ? 1_555 B LCC 3  P  ? ? B LCC 2  B LCC 3  1_555 ? ? ? ? ? ? ?            1.681 ? ? 
covale7  covale both ? B LCC 3  "O3'" ? ? ? 1_555 B LCG 4  P  ? ? B LCC 3  B LCG 4  1_555 ? ? ? ? ? ? ?            1.696 ? ? 
covale8  covale both ? B LCG 4  "O3'" ? ? ? 1_555 B A   5  P  ? ? B LCG 4  B A   5  1_555 ? ? ? ? ? ? ?            1.706 ? ? 
hydrog1  hydrog ?    ? A LCG 4  N1    ? ? ? 1_555 B C   13 N3 ? ? A LCG 4  B C   13 1_555 ? ? ? ? ? ? WATSON-CRICK ?     ? ? 
hydrog2  hydrog ?    ? A LCG 4  N2    ? ? ? 1_555 B C   13 O2 ? ? A LCG 4  B C   13 1_555 ? ? ? ? ? ? WATSON-CRICK ?     ? ? 
hydrog3  hydrog ?    ? A LCG 4  O6    ? ? ? 1_555 B C   13 N4 ? ? A LCG 4  B C   13 1_555 ? ? ? ? ? ? WATSON-CRICK ?     ? ? 
hydrog4  hydrog ?    ? A A   5  N1    ? ? ? 1_555 B U   12 N3 ? ? A A   5  B U   12 1_555 ? ? ? ? ? ? WATSON-CRICK ?     ? ? 
hydrog5  hydrog ?    ? A A   5  N6    ? ? ? 1_555 B U   12 O4 ? ? A A   5  B U   12 1_555 ? ? ? ? ? ? WATSON-CRICK ?     ? ? 
hydrog6  hydrog ?    ? A C   6  N3    ? ? ? 1_555 B G   11 N1 ? ? A C   6  B G   11 1_555 ? ? ? ? ? ? WATSON-CRICK ?     ? ? 
hydrog7  hydrog ?    ? A C   6  N4    ? ? ? 1_555 B G   11 O6 ? ? A C   6  B G   11 1_555 ? ? ? ? ? ? WATSON-CRICK ?     ? ? 
hydrog8  hydrog ?    ? A C   6  O2    ? ? ? 1_555 B G   11 N2 ? ? A C   6  B G   11 1_555 ? ? ? ? ? ? WATSON-CRICK ?     ? ? 
hydrog9  hydrog ?    ? A U   7  N3    ? ? ? 1_555 B A   10 N1 ? ? A U   7  B A   10 1_555 ? ? ? ? ? ? WATSON-CRICK ?     ? ? 
hydrog10 hydrog ?    ? A U   7  O4    ? ? ? 1_555 B A   10 N6 ? ? A U   7  B A   10 1_555 ? ? ? ? ? ? WATSON-CRICK ?     ? ? 
hydrog11 hydrog ?    ? A U   8  N3    ? ? ? 1_555 B A   9  N1 ? ? A U   8  B A   9  1_555 ? ? ? ? ? ? WATSON-CRICK ?     ? ? 
hydrog12 hydrog ?    ? A U   8  O4    ? ? ? 1_555 B A   9  N6 ? ? A U   8  B A   9  1_555 ? ? ? ? ? ? WATSON-CRICK ?     ? ? 
hydrog13 hydrog ?    ? A A   9  N1    ? ? ? 1_555 B U   8  N3 ? ? A A   9  B U   8  1_555 ? ? ? ? ? ? WATSON-CRICK ?     ? ? 
hydrog14 hydrog ?    ? A A   9  N6    ? ? ? 1_555 B U   8  O4 ? ? A A   9  B U   8  1_555 ? ? ? ? ? ? WATSON-CRICK ?     ? ? 
hydrog15 hydrog ?    ? A A   10 N1    ? ? ? 1_555 B U   7  N3 ? ? A A   10 B U   7  1_555 ? ? ? ? ? ? WATSON-CRICK ?     ? ? 
hydrog16 hydrog ?    ? A A   10 N6    ? ? ? 1_555 B U   7  O4 ? ? A A   10 B U   7  1_555 ? ? ? ? ? ? WATSON-CRICK ?     ? ? 
hydrog17 hydrog ?    ? A G   11 N1    ? ? ? 1_555 B C   6  N3 ? ? A G   11 B C   6  1_555 ? ? ? ? ? ? WATSON-CRICK ?     ? ? 
hydrog18 hydrog ?    ? A G   11 N2    ? ? ? 1_555 B C   6  O2 ? ? A G   11 B C   6  1_555 ? ? ? ? ? ? WATSON-CRICK ?     ? ? 
hydrog19 hydrog ?    ? A G   11 O6    ? ? ? 1_555 B C   6  N4 ? ? A G   11 B C   6  1_555 ? ? ? ? ? ? WATSON-CRICK ?     ? ? 
hydrog20 hydrog ?    ? A U   12 N3    ? ? ? 1_555 B A   5  N1 ? ? A U   12 B A   5  1_555 ? ? ? ? ? ? WATSON-CRICK ?     ? ? 
hydrog21 hydrog ?    ? A U   12 O4    ? ? ? 1_555 B A   5  N6 ? ? A U   12 B A   5  1_555 ? ? ? ? ? ? WATSON-CRICK ?     ? ? 
hydrog22 hydrog ?    ? A C   13 N3    ? ? ? 1_555 B LCG 4  N1 ? ? A C   13 B LCG 4  1_555 ? ? ? ? ? ? WATSON-CRICK ?     ? ? 
hydrog23 hydrog ?    ? A C   13 N4    ? ? ? 1_555 B LCG 4  O6 ? ? A C   13 B LCG 4  1_555 ? ? ? ? ? ? WATSON-CRICK ?     ? ? 
hydrog24 hydrog ?    ? A C   13 O2    ? ? ? 1_555 B LCG 4  N2 ? ? A C   13 B LCG 4  1_555 ? ? ? ? ? ? WATSON-CRICK ?     ? ? 
# 
loop_
_struct_conn_type.id 
_struct_conn_type.criteria 
_struct_conn_type.reference 
covale ? ? 
hydrog ? ? 
# 
loop_
_struct_site.id 
_struct_site.pdbx_evidence_code 
_struct_site.pdbx_auth_asym_id 
_struct_site.pdbx_auth_comp_id 
_struct_site.pdbx_auth_seq_id 
_struct_site.pdbx_auth_ins_code 
_struct_site.pdbx_num_residues 
_struct_site.details 
AC1 Software A EQ1 101 ? 6 'binding site for residue EQ1 A 101' 
AC2 Software B EQ1 101 ? 5 'binding site for residue EQ1 B 101' 
# 
loop_
_struct_site_gen.id 
_struct_site_gen.site_id 
_struct_site_gen.pdbx_num_res 
_struct_site_gen.label_comp_id 
_struct_site_gen.label_asym_id 
_struct_site_gen.label_seq_id 
_struct_site_gen.pdbx_auth_ins_code 
_struct_site_gen.auth_comp_id 
_struct_site_gen.auth_asym_id 
_struct_site_gen.auth_seq_id 
_struct_site_gen.label_atom_id 
_struct_site_gen.label_alt_id 
_struct_site_gen.symmetry 
_struct_site_gen.details 
1  AC1 6 LCC A 1  ? LCC A 1  . ? 5_557 ? 
2  AC1 6 LCC A 1  ? LCC A 1  . ? 1_555 ? 
3  AC1 6 LCC A 2  ? LCC A 2  . ? 1_555 ? 
4  AC1 6 LCC A 3  ? LCC A 3  . ? 1_555 ? 
5  AC1 6 G   B 14 ? G   B 14 . ? 2_545 ? 
6  AC1 6 G   B 14 ? G   B 14 . ? 1_555 ? 
7  AC2 5 G   A 14 ? G   A 14 . ? 3_655 ? 
8  AC2 5 G   A 14 ? G   A 14 . ? 1_555 ? 
9  AC2 5 LCC B 1  ? LCC B 1  . ? 1_555 ? 
10 AC2 5 LCC B 2  ? LCC B 2  . ? 1_555 ? 
11 AC2 5 LCC B 3  ? LCC B 3  . ? 1_555 ? 
# 
loop_
_pdbx_validate_rmsd_bond.id 
_pdbx_validate_rmsd_bond.PDB_model_num 
_pdbx_validate_rmsd_bond.auth_atom_id_1 
_pdbx_validate_rmsd_bond.auth_asym_id_1 
_pdbx_validate_rmsd_bond.auth_comp_id_1 
_pdbx_validate_rmsd_bond.auth_seq_id_1 
_pdbx_validate_rmsd_bond.PDB_ins_code_1 
_pdbx_validate_rmsd_bond.label_alt_id_1 
_pdbx_validate_rmsd_bond.auth_atom_id_2 
_pdbx_validate_rmsd_bond.auth_asym_id_2 
_pdbx_validate_rmsd_bond.auth_comp_id_2 
_pdbx_validate_rmsd_bond.auth_seq_id_2 
_pdbx_validate_rmsd_bond.PDB_ins_code_2 
_pdbx_validate_rmsd_bond.label_alt_id_2 
_pdbx_validate_rmsd_bond.bond_value 
_pdbx_validate_rmsd_bond.bond_target_value 
_pdbx_validate_rmsd_bond.bond_deviation 
_pdbx_validate_rmsd_bond.bond_standard_deviation 
_pdbx_validate_rmsd_bond.linker_flag 
1 1 "O3'" A LCC 3  ? ? P A LCG 4  ? ? 1.684 1.607 0.077  0.012 Y 
2 1 "O3'" A LCG 4  ? ? P A A   5  ? ? 1.701 1.607 0.094  0.012 Y 
3 1 "O3'" A C   13 ? ? P A G   14 ? ? 1.528 1.607 -0.079 0.012 Y 
4 1 "O3'" B LCC 1  ? ? P B LCC 2  ? ? 1.698 1.607 0.091  0.012 Y 
5 1 "O3'" B LCC 2  ? ? P B LCC 3  ? ? 1.681 1.607 0.074  0.012 Y 
6 1 "O3'" B LCC 3  ? ? P B LCG 4  ? ? 1.696 1.607 0.089  0.012 Y 
7 1 "O3'" B LCG 4  ? ? P B A   5  ? ? 1.706 1.607 0.099  0.012 Y 
# 
loop_
_pdbx_validate_rmsd_angle.id 
_pdbx_validate_rmsd_angle.PDB_model_num 
_pdbx_validate_rmsd_angle.auth_atom_id_1 
_pdbx_validate_rmsd_angle.auth_asym_id_1 
_pdbx_validate_rmsd_angle.auth_comp_id_1 
_pdbx_validate_rmsd_angle.auth_seq_id_1 
_pdbx_validate_rmsd_angle.PDB_ins_code_1 
_pdbx_validate_rmsd_angle.label_alt_id_1 
_pdbx_validate_rmsd_angle.auth_atom_id_2 
_pdbx_validate_rmsd_angle.auth_asym_id_2 
_pdbx_validate_rmsd_angle.auth_comp_id_2 
_pdbx_validate_rmsd_angle.auth_seq_id_2 
_pdbx_validate_rmsd_angle.PDB_ins_code_2 
_pdbx_validate_rmsd_angle.label_alt_id_2 
_pdbx_validate_rmsd_angle.auth_atom_id_3 
_pdbx_validate_rmsd_angle.auth_asym_id_3 
_pdbx_validate_rmsd_angle.auth_comp_id_3 
_pdbx_validate_rmsd_angle.auth_seq_id_3 
_pdbx_validate_rmsd_angle.PDB_ins_code_3 
_pdbx_validate_rmsd_angle.label_alt_id_3 
_pdbx_validate_rmsd_angle.angle_value 
_pdbx_validate_rmsd_angle.angle_target_value 
_pdbx_validate_rmsd_angle.angle_deviation 
_pdbx_validate_rmsd_angle.angle_standard_deviation 
_pdbx_validate_rmsd_angle.linker_flag 
1  1 "C3'" A LCC 1 ? ? "O3'" A LCC 1 ? ? P     A LCC 2 ? ? 144.89 119.70 25.19  1.20 Y 
2  1 "C3'" A LCC 2 ? ? "O3'" A LCC 2 ? ? P     A LCC 3 ? ? 110.38 119.70 -9.32  1.20 Y 
3  1 "O3'" A LCC 2 ? ? P     A LCC 3 ? ? "O5'" A LCC 3 ? ? 115.62 104.00 11.62  1.90 Y 
4  1 "C3'" A LCC 3 ? ? "O3'" A LCC 3 ? ? P     A LCG 4 ? ? 130.15 119.70 10.45  1.20 Y 
5  1 "C3'" A LCG 4 ? ? "O3'" A LCG 4 ? ? P     A A   5 ? ? 101.72 119.70 -17.98 1.20 Y 
6  1 "C3'" B LCC 1 ? ? "O3'" B LCC 1 ? ? P     B LCC 2 ? ? 143.06 119.70 23.36  1.20 Y 
7  1 "C3'" B LCC 2 ? ? "O3'" B LCC 2 ? ? P     B LCC 3 ? ? 111.22 119.70 -8.48  1.20 Y 
8  1 "O3'" B LCC 3 ? ? P     B LCG 4 ? ? "O5'" B LCG 4 ? ? 120.05 104.00 16.05  1.90 Y 
9  1 "C3'" B LCG 4 ? ? "O3'" B LCG 4 ? ? P     B A   5 ? ? 111.99 119.70 -7.71  1.20 Y 
10 1 "O3'" B LCG 4 ? ? P     B A   5 ? ? OP2   B A   5 ? ? 118.44 110.50 7.94   1.10 Y 
# 
_pdbx_distant_solvent_atoms.id                                1 
_pdbx_distant_solvent_atoms.PDB_model_num                     1 
_pdbx_distant_solvent_atoms.auth_atom_id                      O 
_pdbx_distant_solvent_atoms.label_alt_id                      ? 
_pdbx_distant_solvent_atoms.auth_asym_id                      A 
_pdbx_distant_solvent_atoms.auth_comp_id                      HOH 
_pdbx_distant_solvent_atoms.auth_seq_id                       203 
_pdbx_distant_solvent_atoms.PDB_ins_code                      ? 
_pdbx_distant_solvent_atoms.neighbor_macromolecule_distance   . 
_pdbx_distant_solvent_atoms.neighbor_ligand_distance          6.14 
# 
loop_
_chem_comp_atom.comp_id 
_chem_comp_atom.atom_id 
_chem_comp_atom.type_symbol 
_chem_comp_atom.pdbx_aromatic_flag 
_chem_comp_atom.pdbx_stereo_config 
_chem_comp_atom.pdbx_ordinal 
A   OP3    O N N 1   
A   P      P N N 2   
A   OP1    O N N 3   
A   OP2    O N N 4   
A   "O5'"  O N N 5   
A   "C5'"  C N N 6   
A   "C4'"  C N R 7   
A   "O4'"  O N N 8   
A   "C3'"  C N S 9   
A   "O3'"  O N N 10  
A   "C2'"  C N R 11  
A   "O2'"  O N N 12  
A   "C1'"  C N R 13  
A   N9     N Y N 14  
A   C8     C Y N 15  
A   N7     N Y N 16  
A   C5     C Y N 17  
A   C6     C Y N 18  
A   N6     N N N 19  
A   N1     N Y N 20  
A   C2     C Y N 21  
A   N3     N Y N 22  
A   C4     C Y N 23  
A   HOP3   H N N 24  
A   HOP2   H N N 25  
A   "H5'"  H N N 26  
A   "H5''" H N N 27  
A   "H4'"  H N N 28  
A   "H3'"  H N N 29  
A   "HO3'" H N N 30  
A   "H2'"  H N N 31  
A   "HO2'" H N N 32  
A   "H1'"  H N N 33  
A   H8     H N N 34  
A   H61    H N N 35  
A   H62    H N N 36  
A   H2     H N N 37  
C   OP3    O N N 38  
C   P      P N N 39  
C   OP1    O N N 40  
C   OP2    O N N 41  
C   "O5'"  O N N 42  
C   "C5'"  C N N 43  
C   "C4'"  C N R 44  
C   "O4'"  O N N 45  
C   "C3'"  C N S 46  
C   "O3'"  O N N 47  
C   "C2'"  C N R 48  
C   "O2'"  O N N 49  
C   "C1'"  C N R 50  
C   N1     N N N 51  
C   C2     C N N 52  
C   O2     O N N 53  
C   N3     N N N 54  
C   C4     C N N 55  
C   N4     N N N 56  
C   C5     C N N 57  
C   C6     C N N 58  
C   HOP3   H N N 59  
C   HOP2   H N N 60  
C   "H5'"  H N N 61  
C   "H5''" H N N 62  
C   "H4'"  H N N 63  
C   "H3'"  H N N 64  
C   "HO3'" H N N 65  
C   "H2'"  H N N 66  
C   "HO2'" H N N 67  
C   "H1'"  H N N 68  
C   H41    H N N 69  
C   H42    H N N 70  
C   H5     H N N 71  
C   H6     H N N 72  
EQ1 PA     P N N 73  
EQ1 PG     P N N 74  
EQ1 C1C    C Y N 75  
EQ1 C1D    C N R 76  
EQ1 C1E    C N R 77  
EQ1 N1A    N N N 78  
EQ1 N1B    N N N 79  
EQ1 N1C    N Y N 80  
EQ1 O1A    O N N 81  
EQ1 O1G    O N N 82  
EQ1 C2A    C N N 83  
EQ1 C2B    C N N 84  
EQ1 C2C    C Y N 85  
EQ1 C2D    C N R 86  
EQ1 C2E    C N R 87  
EQ1 N2A    N N N 88  
EQ1 N2B    N N N 89  
EQ1 N2C    N Y N 90  
EQ1 O2A    O N N 91  
EQ1 O2D    O N N 92  
EQ1 O2E    O N N 93  
EQ1 O2G    O N N 94  
EQ1 C3C    C Y N 95  
EQ1 C3D    C N S 96  
EQ1 C3E    C N S 97  
EQ1 N3A    N N N 98  
EQ1 N3B    N N N 99  
EQ1 N3C    N N N 100 
EQ1 O3D    O N N 101 
EQ1 O3E    O N N 102 
EQ1 C4A    C Y N 103 
EQ1 C4B    C Y N 104 
EQ1 C4D    C N R 105 
EQ1 C4E    C N R 106 
EQ1 O4D    O N N 107 
EQ1 O4E    O N N 108 
EQ1 C5A    C Y N 109 
EQ1 C5B    C Y N 110 
EQ1 C5D    C N N 111 
EQ1 C5E    C N N 112 
EQ1 O5D    O N N 113 
EQ1 O5E    O N N 114 
EQ1 C6A    C N N 115 
EQ1 C6B    C N N 116 
EQ1 O6A    O N N 117 
EQ1 O6B    O N N 118 
EQ1 N7A    N Y N 119 
EQ1 N7B    N Y N 120 
EQ1 C8A    C Y N 121 
EQ1 C8B    C Y N 122 
EQ1 N9A    N Y N 123 
EQ1 N9B    N Y N 124 
EQ1 H1     H N N 125 
EQ1 H2     H N N 126 
EQ1 H3     H N N 127 
EQ1 H4     H N N 128 
EQ1 H5     H N N 129 
EQ1 H6     H N N 130 
EQ1 H7     H N N 131 
EQ1 H8     H N N 132 
EQ1 H9     H N N 133 
EQ1 H10    H N N 134 
EQ1 H11    H N N 135 
EQ1 H12    H N N 136 
EQ1 H13    H N N 137 
EQ1 H14    H N N 138 
EQ1 H15    H N N 139 
EQ1 H16    H N N 140 
EQ1 H17    H N N 141 
EQ1 H18    H N N 142 
EQ1 H19    H N N 143 
EQ1 H20    H N N 144 
EQ1 H21    H N N 145 
EQ1 H22    H N N 146 
EQ1 H23    H N N 147 
EQ1 H24    H N N 148 
EQ1 H25    H N N 149 
EQ1 H26    H N N 150 
EQ1 H27    H N N 151 
EQ1 H28    H N N 152 
EQ1 H29    H N N 153 
EQ1 H30    H N N 154 
G   OP3    O N N 155 
G   P      P N N 156 
G   OP1    O N N 157 
G   OP2    O N N 158 
G   "O5'"  O N N 159 
G   "C5'"  C N N 160 
G   "C4'"  C N R 161 
G   "O4'"  O N N 162 
G   "C3'"  C N S 163 
G   "O3'"  O N N 164 
G   "C2'"  C N R 165 
G   "O2'"  O N N 166 
G   "C1'"  C N R 167 
G   N9     N Y N 168 
G   C8     C Y N 169 
G   N7     N Y N 170 
G   C5     C Y N 171 
G   C6     C N N 172 
G   O6     O N N 173 
G   N1     N N N 174 
G   C2     C N N 175 
G   N2     N N N 176 
G   N3     N N N 177 
G   C4     C Y N 178 
G   HOP3   H N N 179 
G   HOP2   H N N 180 
G   "H5'"  H N N 181 
G   "H5''" H N N 182 
G   "H4'"  H N N 183 
G   "H3'"  H N N 184 
G   "HO3'" H N N 185 
G   "H2'"  H N N 186 
G   "HO2'" H N N 187 
G   "H1'"  H N N 188 
G   H8     H N N 189 
G   H1     H N N 190 
G   H21    H N N 191 
G   H22    H N N 192 
HOH O      O N N 193 
HOH H1     H N N 194 
HOH H2     H N N 195 
LCC "O5'"  O N N 196 
LCC "C5'"  C N N 197 
LCC "C4'"  C N R 198 
LCC "O4'"  O N N 199 
LCC "C1'"  C N R 200 
LCC N1     N N N 201 
LCC C6     C N N 202 
LCC C5     C N N 203 
LCC C5M    C N N 204 
LCC C4     C N N 205 
LCC N4     N N N 206 
LCC N3     N N N 207 
LCC C2     C N N 208 
LCC O2     O N N 209 
LCC "C3'"  C N S 210 
LCC "C2'"  C N R 211 
LCC "O2'"  O N N 212 
LCC "O3'"  O N N 213 
LCC "C6'"  C N N 214 
LCC P      P N N 215 
LCC O1P    O N N 216 
LCC O2P    O N N 217 
LCC OXT    O N N 218 
LCC "H5'1" H N N 219 
LCC "H5'2" H N N 220 
LCC "H1'"  H N N 221 
LCC H6     H N N 222 
LCC H5M1   H N N 223 
LCC H5M2   H N N 224 
LCC H5M3   H N N 225 
LCC H41    H N N 226 
LCC H42    H N N 227 
LCC "H3'"  H N N 228 
LCC "H2'1" H N N 229 
LCC H3T    H N N 230 
LCC "H6'1" H N N 231 
LCC "H6'2" H N N 232 
LCC H1P    H N N 233 
LCC HXT    H N N 234 
LCG P      P N N 235 
LCG OP1    O N N 236 
LCG "O5'"  O N N 237 
LCG "C5'"  C N N 238 
LCG "C3'"  C N S 239 
LCG "C6'"  C N N 240 
LCG N9     N Y N 241 
LCG C8     C Y N 242 
LCG C4     C Y N 243 
LCG N7     N Y N 244 
LCG C5     C Y N 245 
LCG C6     C N N 246 
LCG "C2'"  C N R 247 
LCG O6     O N N 248 
LCG "C4'"  C N R 249 
LCG "C1'"  C N R 250 
LCG C2     C N N 251 
LCG N1     N N N 252 
LCG "O4'"  O N N 253 
LCG OP2    O N N 254 
LCG N2     N N N 255 
LCG N3     N N N 256 
LCG "O2'"  O N N 257 
LCG "O3'"  O N N 258 
LCG OP3    O N N 259 
LCG "H5'"  H N N 260 
LCG "H5''" H N N 261 
LCG "H3'"  H N N 262 
LCG "H6'1" H N N 263 
LCG "H6'2" H N N 264 
LCG H8     H N N 265 
LCG "H2'"  H N N 266 
LCG "H1'"  H N N 267 
LCG H1     H N N 268 
LCG HOP2   H N N 269 
LCG H21    H N N 270 
LCG H22    H N N 271 
LCG "HO3'" H N N 272 
LCG HOP3   H N N 273 
U   OP3    O N N 274 
U   P      P N N 275 
U   OP1    O N N 276 
U   OP2    O N N 277 
U   "O5'"  O N N 278 
U   "C5'"  C N N 279 
U   "C4'"  C N R 280 
U   "O4'"  O N N 281 
U   "C3'"  C N S 282 
U   "O3'"  O N N 283 
U   "C2'"  C N R 284 
U   "O2'"  O N N 285 
U   "C1'"  C N R 286 
U   N1     N N N 287 
U   C2     C N N 288 
U   O2     O N N 289 
U   N3     N N N 290 
U   C4     C N N 291 
U   O4     O N N 292 
U   C5     C N N 293 
U   C6     C N N 294 
U   HOP3   H N N 295 
U   HOP2   H N N 296 
U   "H5'"  H N N 297 
U   "H5''" H N N 298 
U   "H4'"  H N N 299 
U   "H3'"  H N N 300 
U   "HO3'" H N N 301 
U   "H2'"  H N N 302 
U   "HO2'" H N N 303 
U   "H1'"  H N N 304 
U   H3     H N N 305 
U   H5     H N N 306 
U   H6     H N N 307 
# 
loop_
_chem_comp_bond.comp_id 
_chem_comp_bond.atom_id_1 
_chem_comp_bond.atom_id_2 
_chem_comp_bond.value_order 
_chem_comp_bond.pdbx_aromatic_flag 
_chem_comp_bond.pdbx_stereo_config 
_chem_comp_bond.pdbx_ordinal 
A   OP3   P      sing N N 1   
A   OP3   HOP3   sing N N 2   
A   P     OP1    doub N N 3   
A   P     OP2    sing N N 4   
A   P     "O5'"  sing N N 5   
A   OP2   HOP2   sing N N 6   
A   "O5'" "C5'"  sing N N 7   
A   "C5'" "C4'"  sing N N 8   
A   "C5'" "H5'"  sing N N 9   
A   "C5'" "H5''" sing N N 10  
A   "C4'" "O4'"  sing N N 11  
A   "C4'" "C3'"  sing N N 12  
A   "C4'" "H4'"  sing N N 13  
A   "O4'" "C1'"  sing N N 14  
A   "C3'" "O3'"  sing N N 15  
A   "C3'" "C2'"  sing N N 16  
A   "C3'" "H3'"  sing N N 17  
A   "O3'" "HO3'" sing N N 18  
A   "C2'" "O2'"  sing N N 19  
A   "C2'" "C1'"  sing N N 20  
A   "C2'" "H2'"  sing N N 21  
A   "O2'" "HO2'" sing N N 22  
A   "C1'" N9     sing N N 23  
A   "C1'" "H1'"  sing N N 24  
A   N9    C8     sing Y N 25  
A   N9    C4     sing Y N 26  
A   C8    N7     doub Y N 27  
A   C8    H8     sing N N 28  
A   N7    C5     sing Y N 29  
A   C5    C6     sing Y N 30  
A   C5    C4     doub Y N 31  
A   C6    N6     sing N N 32  
A   C6    N1     doub Y N 33  
A   N6    H61    sing N N 34  
A   N6    H62    sing N N 35  
A   N1    C2     sing Y N 36  
A   C2    N3     doub Y N 37  
A   C2    H2     sing N N 38  
A   N3    C4     sing Y N 39  
C   OP3   P      sing N N 40  
C   OP3   HOP3   sing N N 41  
C   P     OP1    doub N N 42  
C   P     OP2    sing N N 43  
C   P     "O5'"  sing N N 44  
C   OP2   HOP2   sing N N 45  
C   "O5'" "C5'"  sing N N 46  
C   "C5'" "C4'"  sing N N 47  
C   "C5'" "H5'"  sing N N 48  
C   "C5'" "H5''" sing N N 49  
C   "C4'" "O4'"  sing N N 50  
C   "C4'" "C3'"  sing N N 51  
C   "C4'" "H4'"  sing N N 52  
C   "O4'" "C1'"  sing N N 53  
C   "C3'" "O3'"  sing N N 54  
C   "C3'" "C2'"  sing N N 55  
C   "C3'" "H3'"  sing N N 56  
C   "O3'" "HO3'" sing N N 57  
C   "C2'" "O2'"  sing N N 58  
C   "C2'" "C1'"  sing N N 59  
C   "C2'" "H2'"  sing N N 60  
C   "O2'" "HO2'" sing N N 61  
C   "C1'" N1     sing N N 62  
C   "C1'" "H1'"  sing N N 63  
C   N1    C2     sing N N 64  
C   N1    C6     sing N N 65  
C   C2    O2     doub N N 66  
C   C2    N3     sing N N 67  
C   N3    C4     doub N N 68  
C   C4    N4     sing N N 69  
C   C4    C5     sing N N 70  
C   N4    H41    sing N N 71  
C   N4    H42    sing N N 72  
C   C5    C6     doub N N 73  
C   C5    H5     sing N N 74  
C   C6    H6     sing N N 75  
EQ1 O2G   PG     doub N N 76  
EQ1 PG    O1G    sing N N 77  
EQ1 PG    O5E    sing N N 78  
EQ1 PG    N2C    sing N N 79  
EQ1 C2C   N2C    sing Y N 80  
EQ1 C2C   C3C    doub Y N 81  
EQ1 O5E   C5E    sing N N 82  
EQ1 C5E   C4E    sing N N 83  
EQ1 N2C   C1C    doub Y N 84  
EQ1 O3E   C3E    sing N N 85  
EQ1 C3C   N1C    sing Y N 86  
EQ1 C3E   C4E    sing N N 87  
EQ1 C3E   C2E    sing N N 88  
EQ1 C1C   N1C    sing Y N 89  
EQ1 C1C   N3C    sing N N 90  
EQ1 C4E   O4E    sing N N 91  
EQ1 N1C   PA     sing N N 92  
EQ1 C2E   O2E    sing N N 93  
EQ1 C2E   C1E    sing N N 94  
EQ1 O4E   C1E    sing N N 95  
EQ1 O3D   C3D    sing N N 96  
EQ1 PA    O2A    doub N N 97  
EQ1 PA    O1A    sing N N 98  
EQ1 PA    O5D    sing N N 99  
EQ1 C8B   N7B    doub Y N 100 
EQ1 C8B   N9B    sing Y N 101 
EQ1 C1E   N9B    sing N N 102 
EQ1 N7B   C5B    sing Y N 103 
EQ1 N9B   C4B    sing Y N 104 
EQ1 C5B   C4B    doub Y N 105 
EQ1 C5B   C6B    sing N N 106 
EQ1 C4B   N3B    sing N N 107 
EQ1 C3D   C4D    sing N N 108 
EQ1 C3D   C2D    sing N N 109 
EQ1 O6B   C6B    doub N N 110 
EQ1 C6B   N1B    sing N N 111 
EQ1 N3B   C2B    doub N N 112 
EQ1 C5D   O5D    sing N N 113 
EQ1 C5D   C4D    sing N N 114 
EQ1 N1B   C2B    sing N N 115 
EQ1 C2B   N2B    sing N N 116 
EQ1 C4D   O4D    sing N N 117 
EQ1 C2D   O2D    sing N N 118 
EQ1 C2D   C1D    sing N N 119 
EQ1 C8A   N7A    doub Y N 120 
EQ1 C8A   N9A    sing Y N 121 
EQ1 N7A   C5A    sing Y N 122 
EQ1 O4D   C1D    sing N N 123 
EQ1 N9A   C1D    sing N N 124 
EQ1 N9A   C4A    sing Y N 125 
EQ1 C5A   C4A    doub Y N 126 
EQ1 C5A   C6A    sing N N 127 
EQ1 C4A   N3A    sing N N 128 
EQ1 O6A   C6A    doub N N 129 
EQ1 C6A   N1A    sing N N 130 
EQ1 N3A   C2A    doub N N 131 
EQ1 N1A   C2A    sing N N 132 
EQ1 C2A   N2A    sing N N 133 
EQ1 C1D   H1     sing N N 134 
EQ1 C1E   H2     sing N N 135 
EQ1 N1A   H3     sing N N 136 
EQ1 N1B   H4     sing N N 137 
EQ1 O1A   H5     sing N N 138 
EQ1 O1G   H6     sing N N 139 
EQ1 C2C   H7     sing N N 140 
EQ1 C2D   H8     sing N N 141 
EQ1 C2E   H9     sing N N 142 
EQ1 N2A   H10    sing N N 143 
EQ1 N2A   H11    sing N N 144 
EQ1 N2B   H12    sing N N 145 
EQ1 N2B   H13    sing N N 146 
EQ1 O2D   H14    sing N N 147 
EQ1 O2E   H15    sing N N 148 
EQ1 C3C   H16    sing N N 149 
EQ1 C3D   H17    sing N N 150 
EQ1 C3E   H18    sing N N 151 
EQ1 N3C   H19    sing N N 152 
EQ1 N3C   H20    sing N N 153 
EQ1 O3D   H21    sing N N 154 
EQ1 O3E   H22    sing N N 155 
EQ1 C4D   H23    sing N N 156 
EQ1 C4E   H24    sing N N 157 
EQ1 C5D   H25    sing N N 158 
EQ1 C5D   H26    sing N N 159 
EQ1 C5E   H27    sing N N 160 
EQ1 C5E   H28    sing N N 161 
EQ1 C8A   H29    sing N N 162 
EQ1 C8B   H30    sing N N 163 
G   OP3   P      sing N N 164 
G   OP3   HOP3   sing N N 165 
G   P     OP1    doub N N 166 
G   P     OP2    sing N N 167 
G   P     "O5'"  sing N N 168 
G   OP2   HOP2   sing N N 169 
G   "O5'" "C5'"  sing N N 170 
G   "C5'" "C4'"  sing N N 171 
G   "C5'" "H5'"  sing N N 172 
G   "C5'" "H5''" sing N N 173 
G   "C4'" "O4'"  sing N N 174 
G   "C4'" "C3'"  sing N N 175 
G   "C4'" "H4'"  sing N N 176 
G   "O4'" "C1'"  sing N N 177 
G   "C3'" "O3'"  sing N N 178 
G   "C3'" "C2'"  sing N N 179 
G   "C3'" "H3'"  sing N N 180 
G   "O3'" "HO3'" sing N N 181 
G   "C2'" "O2'"  sing N N 182 
G   "C2'" "C1'"  sing N N 183 
G   "C2'" "H2'"  sing N N 184 
G   "O2'" "HO2'" sing N N 185 
G   "C1'" N9     sing N N 186 
G   "C1'" "H1'"  sing N N 187 
G   N9    C8     sing Y N 188 
G   N9    C4     sing Y N 189 
G   C8    N7     doub Y N 190 
G   C8    H8     sing N N 191 
G   N7    C5     sing Y N 192 
G   C5    C6     sing N N 193 
G   C5    C4     doub Y N 194 
G   C6    O6     doub N N 195 
G   C6    N1     sing N N 196 
G   N1    C2     sing N N 197 
G   N1    H1     sing N N 198 
G   C2    N2     sing N N 199 
G   C2    N3     doub N N 200 
G   N2    H21    sing N N 201 
G   N2    H22    sing N N 202 
G   N3    C4     sing N N 203 
HOH O     H1     sing N N 204 
HOH O     H2     sing N N 205 
LCC "O5'" "C5'"  sing N N 206 
LCC "O5'" P      sing N N 207 
LCC "C5'" "C4'"  sing N N 208 
LCC "C5'" "H5'1" sing N N 209 
LCC "C5'" "H5'2" sing N N 210 
LCC "C4'" "O4'"  sing N N 211 
LCC "C4'" "C3'"  sing N N 212 
LCC "C4'" "C6'"  sing N N 213 
LCC "O4'" "C1'"  sing N N 214 
LCC "C1'" N1     sing N N 215 
LCC "C1'" "C2'"  sing N N 216 
LCC "C1'" "H1'"  sing N N 217 
LCC N1    C6     sing N N 218 
LCC N1    C2     sing N N 219 
LCC C6    C5     doub N N 220 
LCC C6    H6     sing N N 221 
LCC C5    C5M    sing N N 222 
LCC C5    C4     sing N N 223 
LCC C5M   H5M1   sing N N 224 
LCC C5M   H5M2   sing N N 225 
LCC C5M   H5M3   sing N N 226 
LCC C4    N4     sing N N 227 
LCC C4    N3     doub N N 228 
LCC N4    H41    sing N N 229 
LCC N4    H42    sing N N 230 
LCC N3    C2     sing N N 231 
LCC C2    O2     doub N N 232 
LCC "C3'" "C2'"  sing N N 233 
LCC "C3'" "O3'"  sing N N 234 
LCC "C3'" "H3'"  sing N N 235 
LCC "C2'" "O2'"  sing N N 236 
LCC "C2'" "H2'1" sing N N 237 
LCC "O2'" "C6'"  sing N N 238 
LCC "O3'" H3T    sing N N 239 
LCC "C6'" "H6'1" sing N N 240 
LCC "C6'" "H6'2" sing N N 241 
LCC P     O1P    sing N N 242 
LCC P     O2P    doub N N 243 
LCC P     OXT    sing N N 244 
LCC O1P   H1P    sing N N 245 
LCC OXT   HXT    sing N N 246 
LCG P     OP1    doub N N 247 
LCG P     "O5'"  sing N N 248 
LCG P     OP2    sing N N 249 
LCG P     OP3    sing N N 250 
LCG "O5'" "C5'"  sing N N 251 
LCG "C5'" "C4'"  sing N N 252 
LCG "C5'" "H5'"  sing N N 253 
LCG "C5'" "H5''" sing N N 254 
LCG "C3'" "C2'"  sing N N 255 
LCG "C3'" "C4'"  sing N N 256 
LCG "C3'" "O3'"  sing N N 257 
LCG "C3'" "H3'"  sing N N 258 
LCG "C6'" "C4'"  sing N N 259 
LCG "C6'" "O2'"  sing N N 260 
LCG "C6'" "H6'1" sing N N 261 
LCG "C6'" "H6'2" sing N N 262 
LCG N9    C8     sing Y N 263 
LCG N9    C4     sing Y N 264 
LCG N9    "C1'"  sing N N 265 
LCG C8    N7     doub Y N 266 
LCG C8    H8     sing N N 267 
LCG C4    C5     doub Y N 268 
LCG C4    N3     sing N N 269 
LCG N7    C5     sing Y N 270 
LCG C5    C6     sing N N 271 
LCG C6    O6     doub N N 272 
LCG C6    N1     sing N N 273 
LCG "C2'" "C1'"  sing N N 274 
LCG "C2'" "O2'"  sing N N 275 
LCG "C2'" "H2'"  sing N N 276 
LCG "C4'" "O4'"  sing N N 277 
LCG "C1'" "O4'"  sing N N 278 
LCG "C1'" "H1'"  sing N N 279 
LCG C2    N1     sing N N 280 
LCG C2    N2     sing N N 281 
LCG C2    N3     doub N N 282 
LCG N1    H1     sing N N 283 
LCG OP2   HOP2   sing N N 284 
LCG N2    H21    sing N N 285 
LCG N2    H22    sing N N 286 
LCG "O3'" "HO3'" sing N N 287 
LCG OP3   HOP3   sing N N 288 
U   OP3   P      sing N N 289 
U   OP3   HOP3   sing N N 290 
U   P     OP1    doub N N 291 
U   P     OP2    sing N N 292 
U   P     "O5'"  sing N N 293 
U   OP2   HOP2   sing N N 294 
U   "O5'" "C5'"  sing N N 295 
U   "C5'" "C4'"  sing N N 296 
U   "C5'" "H5'"  sing N N 297 
U   "C5'" "H5''" sing N N 298 
U   "C4'" "O4'"  sing N N 299 
U   "C4'" "C3'"  sing N N 300 
U   "C4'" "H4'"  sing N N 301 
U   "O4'" "C1'"  sing N N 302 
U   "C3'" "O3'"  sing N N 303 
U   "C3'" "C2'"  sing N N 304 
U   "C3'" "H3'"  sing N N 305 
U   "O3'" "HO3'" sing N N 306 
U   "C2'" "O2'"  sing N N 307 
U   "C2'" "C1'"  sing N N 308 
U   "C2'" "H2'"  sing N N 309 
U   "O2'" "HO2'" sing N N 310 
U   "C1'" N1     sing N N 311 
U   "C1'" "H1'"  sing N N 312 
U   N1    C2     sing N N 313 
U   N1    C6     sing N N 314 
U   C2    O2     doub N N 315 
U   C2    N3     sing N N 316 
U   N3    C4     sing N N 317 
U   N3    H3     sing N N 318 
U   C4    O4     doub N N 319 
U   C4    C5     sing N N 320 
U   C5    C6     doub N N 321 
U   C5    H5     sing N N 322 
U   C6    H6     sing N N 323 
# 
_ndb_struct_conf_na.entry_id   6C8E 
_ndb_struct_conf_na.feature    'a-form double helix' 
# 
loop_
_ndb_struct_na_base_pair.model_number 
_ndb_struct_na_base_pair.i_label_asym_id 
_ndb_struct_na_base_pair.i_label_comp_id 
_ndb_struct_na_base_pair.i_label_seq_id 
_ndb_struct_na_base_pair.i_symmetry 
_ndb_struct_na_base_pair.j_label_asym_id 
_ndb_struct_na_base_pair.j_label_comp_id 
_ndb_struct_na_base_pair.j_label_seq_id 
_ndb_struct_na_base_pair.j_symmetry 
_ndb_struct_na_base_pair.shear 
_ndb_struct_na_base_pair.stretch 
_ndb_struct_na_base_pair.stagger 
_ndb_struct_na_base_pair.buckle 
_ndb_struct_na_base_pair.propeller 
_ndb_struct_na_base_pair.opening 
_ndb_struct_na_base_pair.pair_number 
_ndb_struct_na_base_pair.pair_name 
_ndb_struct_na_base_pair.i_auth_asym_id 
_ndb_struct_na_base_pair.i_auth_seq_id 
_ndb_struct_na_base_pair.i_PDB_ins_code 
_ndb_struct_na_base_pair.j_auth_asym_id 
_ndb_struct_na_base_pair.j_auth_seq_id 
_ndb_struct_na_base_pair.j_PDB_ins_code 
_ndb_struct_na_base_pair.hbond_type_28 
_ndb_struct_na_base_pair.hbond_type_12 
1 A LCG 4  1_555 B C   13 1_555 -0.443 -0.215 0.395  2.819  -8.092  -0.715 1  A_LCG4:C13_B A 4  ? B 13 ? 19 1 
1 A A   5  1_555 B U   12 1_555 0.026  -0.192 0.027  2.086  -15.645 -3.163 2  A_A5:U12_B   A 5  ? B 12 ? 20 1 
1 A C   6  1_555 B G   11 1_555 0.346  -0.219 0.199  8.043  -14.946 0.653  3  A_C6:G11_B   A 6  ? B 11 ? 19 1 
1 A U   7  1_555 B A   10 1_555 0.386  -0.229 -0.115 -1.492 -16.204 4.739  4  A_U7:A10_B   A 7  ? B 10 ? 20 1 
1 A U   8  1_555 B A   9  1_555 -0.031 -0.209 0.551  -1.772 -9.817  -2.191 5  A_U8:A9_B    A 8  ? B 9  ? 20 1 
1 A A   9  1_555 B U   8  1_555 -0.142 -0.120 -0.013 3.079  -17.372 2.073  6  A_A9:U8_B    A 9  ? B 8  ? 20 1 
1 A A   10 1_555 B U   7  1_555 -0.326 -0.249 -0.187 -2.706 -17.009 4.873  7  A_A10:U7_B   A 10 ? B 7  ? 20 1 
1 A G   11 1_555 B C   6  1_555 -0.484 -0.157 0.094  -6.351 -17.370 1.616  8  A_G11:C6_B   A 11 ? B 6  ? 19 1 
1 A U   12 1_555 B A   5  1_555 -0.116 -0.093 0.175  -4.326 -6.222  -5.087 9  A_U12:A5_B   A 12 ? B 5  ? 20 1 
1 A C   13 1_555 B LCG 4  1_555 0.470  -0.271 0.075  1.079  -13.579 -4.199 10 A_C13:LCG4_B A 13 ? B 4  ? 19 1 
# 
loop_
_ndb_struct_na_base_pair_step.model_number 
_ndb_struct_na_base_pair_step.i_label_asym_id_1 
_ndb_struct_na_base_pair_step.i_label_comp_id_1 
_ndb_struct_na_base_pair_step.i_label_seq_id_1 
_ndb_struct_na_base_pair_step.i_symmetry_1 
_ndb_struct_na_base_pair_step.j_label_asym_id_1 
_ndb_struct_na_base_pair_step.j_label_comp_id_1 
_ndb_struct_na_base_pair_step.j_label_seq_id_1 
_ndb_struct_na_base_pair_step.j_symmetry_1 
_ndb_struct_na_base_pair_step.i_label_asym_id_2 
_ndb_struct_na_base_pair_step.i_label_comp_id_2 
_ndb_struct_na_base_pair_step.i_label_seq_id_2 
_ndb_struct_na_base_pair_step.i_symmetry_2 
_ndb_struct_na_base_pair_step.j_label_asym_id_2 
_ndb_struct_na_base_pair_step.j_label_comp_id_2 
_ndb_struct_na_base_pair_step.j_label_seq_id_2 
_ndb_struct_na_base_pair_step.j_symmetry_2 
_ndb_struct_na_base_pair_step.shift 
_ndb_struct_na_base_pair_step.slide 
_ndb_struct_na_base_pair_step.rise 
_ndb_struct_na_base_pair_step.tilt 
_ndb_struct_na_base_pair_step.roll 
_ndb_struct_na_base_pair_step.twist 
_ndb_struct_na_base_pair_step.x_displacement 
_ndb_struct_na_base_pair_step.y_displacement 
_ndb_struct_na_base_pair_step.helical_rise 
_ndb_struct_na_base_pair_step.inclination 
_ndb_struct_na_base_pair_step.tip 
_ndb_struct_na_base_pair_step.helical_twist 
_ndb_struct_na_base_pair_step.step_number 
_ndb_struct_na_base_pair_step.step_name 
_ndb_struct_na_base_pair_step.i_auth_asym_id_1 
_ndb_struct_na_base_pair_step.i_auth_seq_id_1 
_ndb_struct_na_base_pair_step.i_PDB_ins_code_1 
_ndb_struct_na_base_pair_step.j_auth_asym_id_1 
_ndb_struct_na_base_pair_step.j_auth_seq_id_1 
_ndb_struct_na_base_pair_step.j_PDB_ins_code_1 
_ndb_struct_na_base_pair_step.i_auth_asym_id_2 
_ndb_struct_na_base_pair_step.i_auth_seq_id_2 
_ndb_struct_na_base_pair_step.i_PDB_ins_code_2 
_ndb_struct_na_base_pair_step.j_auth_asym_id_2 
_ndb_struct_na_base_pair_step.j_auth_seq_id_2 
_ndb_struct_na_base_pair_step.j_PDB_ins_code_2 
1 A LCG 4  1_555 B C 13 1_555 A A 5  1_555 B U   12 1_555 -0.422 -1.387 3.308 2.376  8.814  34.013 -3.551 1.036  2.837 14.741 
-3.974 35.182 1 AA_LCG4A5:U12C13_BB A 4  ? B 13 ? A 5  ? B 12 ? 
1 A A   5  1_555 B U 12 1_555 A C 6  1_555 B G   11 1_555 0.457  -1.474 3.118 -2.504 2.070  33.475 -2.864 -1.173 2.983 3.583  
4.335  33.628 2 AA_A5C6:G11U12_BB   A 5  ? B 12 ? A 6  ? B 11 ? 
1 A C   6  1_555 B G 11 1_555 A U 7  1_555 B A   10 1_555 -0.263 -1.573 3.416 2.550  12.064 31.165 -4.638 0.860  2.615 21.434 
-4.530 33.459 3 AA_C6U7:A10G11_BB   A 6  ? B 11 ? A 7  ? B 10 ? 
1 A U   7  1_555 B A 10 1_555 A U 8  1_555 B A   9  1_555 -0.320 -1.291 3.255 -7.631 8.481  29.465 -3.881 -0.768 2.781 15.941 
14.343 31.551 4 AA_U7U8:A9A10_BB    A 7  ? B 10 ? A 8  ? B 9  ? 
1 A U   8  1_555 B A 9  1_555 A A 9  1_555 B U   8  1_555 0.174  -1.524 3.102 5.315  14.116 30.404 -4.566 0.436  2.200 25.071 
-9.440 33.861 5 AA_U8A9:U8A9_BB     A 8  ? B 9  ? A 9  ? B 8  ? 
1 A A   9  1_555 B U 8  1_555 A A 10 1_555 B U   7  1_555 0.347  -1.262 3.424 1.621  13.830 29.696 -4.554 -0.345 2.609 25.307 
-2.965 32.732 6 AA_A9A10:U7U8_BB    A 9  ? B 8  ? A 10 ? B 7  ? 
1 A A   10 1_555 B U 7  1_555 A G 11 1_555 B C   6  1_555 0.238  -1.524 3.270 -0.615 9.515  31.525 -4.208 -0.518 2.703 17.031 
1.100  32.900 7 AA_A10G11:C6U7_BB   A 10 ? B 7  ? A 11 ? B 6  ? 
1 A G   11 1_555 B C 6  1_555 A U 12 1_555 B A   5  1_555 -0.537 -1.441 3.264 -0.892 3.961  33.328 -3.127 0.788  3.090 6.874  
1.548  33.568 8 AA_G11U12:A5C6_BB   A 11 ? B 6  ? A 12 ? B 5  ? 
1 A U   12 1_555 B A 5  1_555 A C 13 1_555 B LCG 4  1_555 0.460  -1.485 3.147 2.533  4.449  34.506 -3.113 -0.407 2.964 7.450  
-4.242 34.872 9 AA_U12C13:LCG4A5_BB A 12 ? B 5  ? A 13 ? B 4  ? 
# 
_pdbx_audit_support.funding_organization   'Howard Hughes Medical Institute (HHMI)' 
_pdbx_audit_support.country                'United States' 
_pdbx_audit_support.grant_number           ? 
_pdbx_audit_support.ordinal                1 
# 
_pdbx_initial_refinement_model.id               1 
_pdbx_initial_refinement_model.entity_id_list   ? 
_pdbx_initial_refinement_model.type             'experimental model' 
_pdbx_initial_refinement_model.source_name      PDB 
_pdbx_initial_refinement_model.accession_code   5DHC 
_pdbx_initial_refinement_model.details          ? 
# 
loop_
_pdbx_reflns_twin.domain_id 
_pdbx_reflns_twin.crystal_id 
_pdbx_reflns_twin.diffrn_id 
_pdbx_reflns_twin.type 
_pdbx_reflns_twin.operator 
_pdbx_reflns_twin.fraction 
1 1 1 ? 'H, K, L' 0.514 
2 1 1 ? -h,-k,l   0.486 
# 
_atom_sites.entry_id                    6C8E 
_atom_sites.fract_transf_matrix[1][1]   -0.00367830 
_atom_sites.fract_transf_matrix[1][2]   0.02324749 
_atom_sites.fract_transf_matrix[1][3]   0.00091726 
_atom_sites.fract_transf_matrix[2][1]   -0.00599286 
_atom_sites.fract_transf_matrix[2][2]   0.01018004 
_atom_sites.fract_transf_matrix[2][3]   0.02037752 
_atom_sites.fract_transf_matrix[3][1]   0.01188618 
_atom_sites.fract_transf_matrix[3][2]   0.00177779 
_atom_sites.fract_transf_matrix[3][3]   0.00260749 
_atom_sites.fract_transf_vector[1]      0.594778 
_atom_sites.fract_transf_vector[2]      -0.202048 
_atom_sites.fract_transf_vector[3]      1.249835 
# 
loop_
_atom_type.symbol 
C 
N 
O 
P 
# 
loop_
_atom_site.group_PDB 
_atom_site.id 
_atom_site.type_symbol 
_atom_site.label_atom_id 
_atom_site.label_alt_id 
_atom_site.label_comp_id 
_atom_site.label_asym_id 
_atom_site.label_entity_id 
_atom_site.label_seq_id 
_atom_site.pdbx_PDB_ins_code 
_atom_site.Cartn_x 
_atom_site.Cartn_y 
_atom_site.Cartn_z 
_atom_site.occupancy 
_atom_site.B_iso_or_equiv 
_atom_site.pdbx_formal_charge 
_atom_site.auth_seq_id 
_atom_site.auth_comp_id 
_atom_site.auth_asym_id 
_atom_site.auth_atom_id 
_atom_site.pdbx_PDB_model_num 
HETATM 1   O "O5'" . LCC A 1 1  ? -19.807 1.035   9.266   1.00 69.43  ? 1   LCC A "O5'" 1 
HETATM 2   C "C5'" . LCC A 1 1  ? -19.794 0.003   10.285  1.00 63.47  ? 1   LCC A "C5'" 1 
HETATM 3   C "C4'" . LCC A 1 1  ? -19.730 -1.285  9.456   1.00 54.03  ? 1   LCC A "C4'" 1 
HETATM 4   O "O4'" . LCC A 1 1  ? -20.680 -1.295  8.293   1.00 53.67  ? 1   LCC A "O4'" 1 
HETATM 5   C "C1'" . LCC A 1 1  ? -20.358 -2.405  7.543   1.00 48.02  ? 1   LCC A "C1'" 1 
HETATM 6   N N1    . LCC A 1 1  ? -20.232 -1.787  6.162   1.00 48.33  ? 1   LCC A N1    1 
HETATM 7   C C6    . LCC A 1 1  ? -20.230 -0.384  5.955   1.00 51.35  ? 1   LCC A C6    1 
HETATM 8   C C5    . LCC A 1 1  ? -20.158 0.051   4.661   1.00 56.02  ? 1   LCC A C5    1 
HETATM 9   C C5M   . LCC A 1 1  ? -20.146 1.410   4.359   1.00 63.97  ? 1   LCC A C5M   1 
HETATM 10  C C4    . LCC A 1 1  ? -20.046 -0.909  3.684   1.00 50.88  ? 1   LCC A C4    1 
HETATM 11  N N4    . LCC A 1 1  ? -19.942 -0.499  2.440   1.00 62.67  ? 1   LCC A N4    1 
HETATM 12  N N3    . LCC A 1 1  ? -20.030 -2.222  3.946   1.00 52.60  ? 1   LCC A N3    1 
HETATM 13  C C2    . LCC A 1 1  ? -20.121 -2.638  5.187   1.00 57.94  ? 1   LCC A C2    1 
HETATM 14  O O2    . LCC A 1 1  ? -20.133 -3.845  5.444   1.00 53.85  ? 1   LCC A O2    1 
HETATM 15  C "C3'" . LCC A 1 1  ? -18.586 -1.435  8.549   1.00 51.99  ? 1   LCC A "C3'" 1 
HETATM 16  C "C2'" . LCC A 1 1  ? -19.022 -2.810  8.150   1.00 48.08  ? 1   LCC A "C2'" 1 
HETATM 17  O "O2'" . LCC A 1 1  ? -19.241 -3.630  9.385   1.00 50.46  ? 1   LCC A "O2'" 1 
HETATM 18  O "O3'" . LCC A 1 1  ? -17.417 -1.382  9.254   1.00 53.54  ? 1   LCC A "O3'" 1 
HETATM 19  C "C6'" . LCC A 1 1  ? -19.694 -2.533  10.383  1.00 57.90  ? 1   LCC A "C6'" 1 
HETATM 20  O "O5'" . LCC A 1 2  ? -15.837 -3.134  8.300   1.00 51.79  ? 2   LCC A "O5'" 1 
HETATM 21  C "C5'" . LCC A 1 2  ? -15.737 -4.411  8.955   1.00 49.15  ? 2   LCC A "C5'" 1 
HETATM 22  C "C4'" . LCC A 1 2  ? -15.802 -5.392  7.846   1.00 50.03  ? 2   LCC A "C4'" 1 
HETATM 23  O "O4'" . LCC A 1 2  ? -16.932 -5.197  6.945   1.00 49.18  ? 2   LCC A "O4'" 1 
HETATM 24  C "C1'" . LCC A 1 2  ? -16.488 -5.902  5.802   1.00 45.43  ? 2   LCC A "C1'" 1 
HETATM 25  N N1    . LCC A 1 2  ? -16.507 -5.054  4.608   1.00 53.29  ? 2   LCC A N1    1 
HETATM 26  C C6    . LCC A 1 2  ? -16.650 -3.724  4.811   1.00 43.82  ? 2   LCC A C6    1 
HETATM 27  C C5    . LCC A 1 2  ? -16.711 -2.946  3.680   1.00 48.84  ? 2   LCC A C5    1 
HETATM 28  C C5M   . LCC A 1 2  ? -16.838 -1.594  3.840   1.00 42.76  ? 2   LCC A C5M   1 
HETATM 29  C C4    . LCC A 1 2  ? -16.611 -3.554  2.435   1.00 50.15  ? 2   LCC A C4    1 
HETATM 30  N N4    . LCC A 1 2  ? -16.662 -2.790  1.388   1.00 46.22  ? 2   LCC A N4    1 
HETATM 31  N N3    . LCC A 1 2  ? -16.456 -4.873  2.306   1.00 39.59  ? 2   LCC A N3    1 
HETATM 32  C C2    . LCC A 1 2  ? -16.416 -5.638  3.401   1.00 44.70  ? 2   LCC A C2    1 
HETATM 33  O O2    . LCC A 1 2  ? -16.231 -6.872  3.254   1.00 44.66  ? 2   LCC A O2    1 
HETATM 34  C "C3'" . LCC A 1 2  ? -14.640 -5.309  6.936   1.00 46.88  ? 2   LCC A "C3'" 1 
HETATM 35  C "C2'" . LCC A 1 2  ? -15.072 -6.384  6.120   1.00 45.60  ? 2   LCC A "C2'" 1 
HETATM 36  O "O2'" . LCC A 1 2  ? -15.213 -7.453  7.039   1.00 48.76  ? 2   LCC A "O2'" 1 
HETATM 37  O "O3'" . LCC A 1 2  ? -13.438 -5.690  7.714   1.00 50.53  ? 2   LCC A "O3'" 1 
HETATM 38  C "C6'" . LCC A 1 2  ? -15.742 -6.842  8.374   1.00 49.32  ? 2   LCC A "C6'" 1 
HETATM 39  P P     . LCC A 1 2  ? -15.814 -1.751  9.233   1.00 55.19  ? 2   LCC A P     1 
HETATM 40  O O1P   . LCC A 1 2  ? -14.777 -2.030  10.428  1.00 73.28  ? 2   LCC A O1P   1 
HETATM 41  O O2P   . LCC A 1 2  ? -15.466 -0.711  8.123   1.00 49.96  ? 2   LCC A O2P   1 
HETATM 42  O "O5'" . LCC A 1 3  ? -11.545 -6.240  5.721   1.00 49.12  ? 3   LCC A "O5'" 1 
HETATM 43  C "C5'" . LCC A 1 3  ? -11.745 -7.660  6.091   1.00 47.05  ? 3   LCC A "C5'" 1 
HETATM 44  C "C4'" . LCC A 1 3  ? -11.834 -8.370  4.776   1.00 44.43  ? 3   LCC A "C4'" 1 
HETATM 45  O "O4'" . LCC A 1 3  ? -12.934 -7.949  3.952   1.00 46.41  ? 3   LCC A "O4'" 1 
HETATM 46  C "C1'" . LCC A 1 3  ? -12.494 -8.349  2.671   1.00 41.61  ? 3   LCC A "C1'" 1 
HETATM 47  N N1    . LCC A 1 3  ? -12.660 -7.126  1.905   1.00 41.67  ? 3   LCC A N1    1 
HETATM 48  C C6    . LCC A 1 3  ? -12.898 -6.085  2.495   1.00 33.90  ? 3   LCC A C6    1 
HETATM 49  C C5    . LCC A 1 3  ? -13.055 -4.897  1.734   1.00 45.14  ? 3   LCC A C5    1 
HETATM 50  C C5M   . LCC A 1 3  ? -13.268 -3.723  2.459   1.00 44.62  ? 3   LCC A C5M   1 
HETATM 51  C C4    . LCC A 1 3  ? -13.094 -5.045  0.338   1.00 42.82  ? 3   LCC A C4    1 
HETATM 52  N N4    . LCC A 1 3  ? -13.295 -4.001  -0.450  1.00 43.79  ? 3   LCC A N4    1 
HETATM 53  N N3    . LCC A 1 3  ? -12.880 -6.249  -0.256  1.00 40.12  ? 3   LCC A N3    1 
HETATM 54  C C2    . LCC A 1 3  ? -12.630 -7.241  0.585   1.00 35.52  ? 3   LCC A C2    1 
HETATM 55  O O2    . LCC A 1 3  ? -12.419 -8.315  0.098   1.00 45.87  ? 3   LCC A O2    1 
HETATM 56  C "C3'" . LCC A 1 3  ? -10.799 -8.026  3.887   1.00 47.21  ? 3   LCC A "C3'" 1 
HETATM 57  C "C2'" . LCC A 1 3  ? -11.196 -8.863  2.833   1.00 37.43  ? 3   LCC A "C2'" 1 
HETATM 58  O "O2'" . LCC A 1 3  ? -11.357 -10.180 3.348   1.00 43.33  ? 3   LCC A "O2'" 1 
HETATM 59  O "O3'" . LCC A 1 3  ? -9.549  -8.469  4.345   1.00 51.33  ? 3   LCC A "O3'" 1 
HETATM 60  C "C6'" . LCC A 1 3  ? -11.817 -9.948  4.824   1.00 36.67  ? 3   LCC A "C6'" 1 
HETATM 61  P P     . LCC A 1 3  ? -12.061 -5.221  6.916   1.00 53.36  ? 3   LCC A P     1 
HETATM 62  O O1P   . LCC A 1 3  ? -10.855 -5.236  8.000   1.00 60.24  ? 3   LCC A O1P   1 
HETATM 63  O O2P   . LCC A 1 3  ? -11.961 -3.846  6.055   1.00 47.84  ? 3   LCC A O2P   1 
HETATM 64  P P     . LCG A 1 4  ? -8.007  -7.857  4.054   1.00 49.09  ? 4   LCG A P     1 
HETATM 65  O OP1   . LCG A 1 4  ? -6.797  -8.483  4.946   1.00 47.64  ? 4   LCG A OP1   1 
HETATM 66  O "O5'" . LCG A 1 4  ? -7.744  -7.950  2.519   1.00 42.51  ? 4   LCG A "O5'" 1 
HETATM 67  C "C5'" . LCG A 1 4  ? -7.397  -9.297  2.163   1.00 41.43  ? 4   LCG A "C5'" 1 
HETATM 68  C "C3'" . LCG A 1 4  ? -6.516  -8.314  -0.021  1.00 46.99  ? 4   LCG A "C3'" 1 
HETATM 69  C "C6'" . LCG A 1 4  ? -7.208  -10.699 -0.016  1.00 39.64  ? 4   LCG A "C6'" 1 
HETATM 70  N N9    . LCG A 1 4  ? -9.068  -7.018  -1.352  1.00 45.34  ? 4   LCG A N9    1 
HETATM 71  C C8    . LCG A 1 4  ? -9.394  -6.163  -0.333  1.00 41.80  ? 4   LCG A C8    1 
HETATM 72  C C4    . LCG A 1 4  ? -9.264  -6.386  -2.498  1.00 44.13  ? 4   LCG A C4    1 
HETATM 73  N N7    . LCG A 1 4  ? -9.823  -5.045  -0.878  1.00 43.83  ? 4   LCG A N7    1 
HETATM 74  C C5    . LCG A 1 4  ? -9.812  -5.219  -2.193  1.00 42.93  ? 4   LCG A C5    1 
HETATM 75  C C6    . LCG A 1 4  ? -10.114 -4.361  -3.153  1.00 49.83  ? 4   LCG A C6    1 
HETATM 76  C "C2'" . LCG A 1 4  ? -6.956  -8.647  -1.393  1.00 37.73  ? 4   LCG A "C2'" 1 
HETATM 77  O O6    . LCG A 1 4  ? -10.565 -3.262  -2.858  1.00 48.92  ? 4   LCG A O6    1 
HETATM 78  C "C4'" . LCG A 1 4  ? -7.511  -9.276  0.636   1.00 42.68  ? 4   LCG A "C4'" 1 
HETATM 79  C "C1'" . LCG A 1 4  ? -8.491  -8.368  -1.298  1.00 44.81  ? 4   LCG A "C1'" 1 
HETATM 80  C C2    . LCG A 1 4  ? -9.382  -5.980  -4.820  1.00 46.04  ? 4   LCG A C2    1 
HETATM 81  N N1    . LCG A 1 4  ? -9.942  -4.722  -4.475  1.00 46.44  ? 4   LCG A N1    1 
HETATM 82  O "O4'" . LCG A 1 4  ? -8.777  -8.703  0.070   1.00 47.33  ? 4   LCG A "O4'" 1 
HETATM 83  O OP2   . LCG A 1 4  ? -8.239  -6.313  4.103   1.00 38.67  ? 4   LCG A OP2   1 
HETATM 84  N N2    . LCG A 1 4  ? -9.171  -6.361  -6.116  1.00 42.98  ? 4   LCG A N2    1 
HETATM 85  N N3    . LCG A 1 4  ? -9.074  -6.789  -3.798  1.00 40.83  ? 4   LCG A N3    1 
HETATM 86  O "O2'" . LCG A 1 4  ? -6.579  -10.125 -1.365  1.00 47.52  ? 4   LCG A "O2'" 1 
HETATM 87  O "O3'" . LCG A 1 4  ? -5.190  -8.796  0.287   1.00 48.75  ? 4   LCG A "O3'" 1 
ATOM   88  P P     . A   A 1 5  ? -4.263  -7.379  0.134   1.00 46.98  ? 5   A   A P     1 
ATOM   89  O OP1   . A   A 1 5  ? -3.066  -7.922  0.847   1.00 47.80  ? 5   A   A OP1   1 
ATOM   90  O OP2   . A   A 1 5  ? -4.831  -6.136  0.728   1.00 45.74  ? 5   A   A OP2   1 
ATOM   91  O "O5'" . A   A 1 5  ? -3.953  -7.048  -1.403  1.00 50.16  ? 5   A   A "O5'" 1 
ATOM   92  C "C5'" . A   A 1 5  ? -3.585  -8.178  -2.200  1.00 46.13  ? 5   A   A "C5'" 1 
ATOM   93  C "C4'" . A   A 1 5  ? -3.608  -7.829  -3.676  1.00 48.64  ? 5   A   A "C4'" 1 
ATOM   94  O "O4'" . A   A 1 5  ? -4.975  -7.611  -4.162  1.00 45.20  ? 5   A   A "O4'" 1 
ATOM   95  C "C3'" . A   A 1 5  ? -2.865  -6.578  -4.086  1.00 42.91  ? 5   A   A "C3'" 1 
ATOM   96  O "O3'" . A   A 1 5  ? -1.453  -6.733  -4.177  1.00 44.06  ? 5   A   A "O3'" 1 
ATOM   97  C "C2'" . A   A 1 5  ? -3.497  -6.313  -5.432  1.00 49.35  ? 5   A   A "C2'" 1 
ATOM   98  O "O2'" . A   A 1 5  ? -2.916  -7.224  -6.345  1.00 48.27  ? 5   A   A "O2'" 1 
ATOM   99  C "C1'" . A   A 1 5  ? -4.966  -6.544  -5.081  1.00 45.76  ? 5   A   A "C1'" 1 
ATOM   100 N N9    . A   A 1 5  ? -5.597  -5.408  -4.409  1.00 44.24  ? 5   A   A N9    1 
ATOM   101 C C8    . A   A 1 5  ? -5.808  -5.217  -3.064  1.00 44.82  ? 5   A   A C8    1 
ATOM   102 N N7    . A   A 1 5  ? -6.441  -4.099  -2.784  1.00 47.50  ? 5   A   A N7    1 
ATOM   103 C C5    . A   A 1 5  ? -6.666  -3.528  -4.024  1.00 46.34  ? 5   A   A C5    1 
ATOM   104 C C6    . A   A 1 5  ? -7.418  -2.422  -4.398  1.00 43.70  ? 5   A   A C6    1 
ATOM   105 N N6    . A   A 1 5  ? -7.906  -1.549  -3.509  1.00 40.83  ? 5   A   A N6    1 
ATOM   106 N N1    . A   A 1 5  ? -7.519  -2.145  -5.716  1.00 50.79  ? 5   A   A N1    1 
ATOM   107 C C2    . A   A 1 5  ? -6.964  -3.001  -6.593  1.00 45.97  ? 5   A   A C2    1 
ATOM   108 N N3    . A   A 1 5  ? -6.315  -4.143  -6.359  1.00 48.38  ? 5   A   A N3    1 
ATOM   109 C C4    . A   A 1 5  ? -6.232  -4.368  -5.037  1.00 44.07  ? 5   A   A C4    1 
ATOM   110 P P     . C   A 1 6  ? -0.449  -5.443  -4.108  1.00 47.92  ? 6   C   A P     1 
ATOM   111 O OP1   . C   A 1 6  ? 0.925   -5.879  -4.013  1.00 41.05  ? 6   C   A OP1   1 
ATOM   112 O OP2   . C   A 1 6  ? -0.922  -4.595  -3.009  1.00 50.20  ? 6   C   A OP2   1 
ATOM   113 O "O5'" . C   A 1 6  ? -0.672  -4.539  -5.423  1.00 41.96  ? 6   C   A "O5'" 1 
ATOM   114 C "C5'" . C   A 1 6  ? -0.561  -4.976  -6.801  1.00 50.57  ? 6   C   A "C5'" 1 
ATOM   115 C "C4'" . C   A 1 6  ? -1.178  -3.924  -7.689  1.00 50.54  ? 6   C   A "C4'" 1 
ATOM   116 O "O4'" . C   A 1 6  ? -2.615  -3.839  -7.470  1.00 46.40  ? 6   C   A "O4'" 1 
ATOM   117 C "C3'" . C   A 1 6  ? -0.680  -2.493  -7.473  1.00 57.98  ? 6   C   A "C3'" 1 
ATOM   118 O "O3'" . C   A 1 6  ? 0.483   -2.262  -8.260  1.00 54.85  ? 6   C   A "O3'" 1 
ATOM   119 C "C2'" . C   A 1 6  ? -1.815  -1.695  -8.069  1.00 54.11  ? 6   C   A "C2'" 1 
ATOM   120 O "O2'" . C   A 1 6  ? -1.832  -1.830  -9.477  1.00 54.25  ? 6   C   A "O2'" 1 
ATOM   121 C "C1'" . C   A 1 6  ? -3.002  -2.480  -7.534  1.00 52.11  ? 6   C   A "C1'" 1 
ATOM   122 N N1    . C   A 1 6  ? -3.463  -1.990  -6.215  1.00 46.95  ? 6   C   A N1    1 
ATOM   123 C C2    . C   A 1 6  ? -4.249  -0.849  -6.229  1.00 49.41  ? 6   C   A C2    1 
ATOM   124 O O2    . C   A 1 6  ? -4.529  -0.341  -7.315  1.00 49.39  ? 6   C   A O2    1 
ATOM   125 N N3    . C   A 1 6  ? -4.739  -0.363  -5.070  1.00 41.77  ? 6   C   A N3    1 
ATOM   126 C C4    . C   A 1 6  ? -4.435  -0.950  -3.923  1.00 50.86  ? 6   C   A C4    1 
ATOM   127 N N4    . C   A 1 6  ? -4.941  -0.419  -2.808  1.00 43.71  ? 6   C   A N4    1 
ATOM   128 C C5    . C   A 1 6  ? -3.584  -2.090  -3.865  1.00 49.98  ? 6   C   A C5    1 
ATOM   129 C C6    . C   A 1 6  ? -3.129  -2.577  -5.029  1.00 48.91  ? 6   C   A C6    1 
ATOM   130 P P     . U   A 1 7  ? 1.665   -1.277  -7.791  1.00 59.85  ? 7   U   A P     1 
ATOM   131 O OP1   . U   A 1 7  ? 2.825   -1.643  -8.617  1.00 54.73  ? 7   U   A OP1   1 
ATOM   132 O OP2   . U   A 1 7  ? 1.776   -1.232  -6.316  1.00 52.49  ? 7   U   A OP2   1 
ATOM   133 O "O5'" . U   A 1 7  ? 1.129   0.180   -8.165  1.00 50.04  ? 7   U   A "O5'" 1 
ATOM   134 C "C5'" . U   A 1 7  ? 0.580   0.439   -9.456  1.00 55.81  ? 7   U   A "C5'" 1 
ATOM   135 C "C4'" . U   A 1 7  ? -0.069  1.781   -9.432  1.00 51.55  ? 7   U   A "C4'" 1 
ATOM   136 O "O4'" . U   A 1 7  ? -1.379  1.673   -8.824  1.00 54.14  ? 7   U   A "O4'" 1 
ATOM   137 C "C3'" . U   A 1 7  ? 0.629   2.826   -8.577  1.00 53.91  ? 7   U   A "C3'" 1 
ATOM   138 O "O3'" . U   A 1 7  ? 1.726   3.242   -9.385  1.00 56.17  ? 7   U   A "O3'" 1 
ATOM   139 C "C2'" . U   A 1 7  ? -0.503  3.825   -8.413  1.00 55.84  ? 7   U   A "C2'" 1 
ATOM   140 O "O2'" . U   A 1 7  ? -0.810  4.415   -9.654  1.00 53.99  ? 7   U   A "O2'" 1 
ATOM   141 C "C1'" . U   A 1 7  ? -1.675  2.883   -8.155  1.00 50.33  ? 7   U   A "C1'" 1 
ATOM   142 N N1    . U   A 1 7  ? -1.921  2.569   -6.754  1.00 52.74  ? 7   U   A N1    1 
ATOM   143 C C2    . U   A 1 7  ? -2.713  3.441   -6.035  1.00 55.44  ? 7   U   A C2    1 
ATOM   144 O O2    . U   A 1 7  ? -3.187  4.455   -6.510  1.00 61.53  ? 7   U   A O2    1 
ATOM   145 N N3    . U   A 1 7  ? -2.965  3.058   -4.747  1.00 50.76  ? 7   U   A N3    1 
ATOM   146 C C4    . U   A 1 7  ? -2.453  1.973   -4.088  1.00 61.99  ? 7   U   A C4    1 
ATOM   147 O O4    . U   A 1 7  ? -2.749  1.797   -2.911  1.00 56.64  ? 7   U   A O4    1 
ATOM   148 C C5    . U   A 1 7  ? -1.629  1.114   -4.893  1.00 57.19  ? 7   U   A C5    1 
ATOM   149 C C6    . U   A 1 7  ? -1.369  1.454   -6.157  1.00 57.68  ? 7   U   A C6    1 
ATOM   150 P P     . U   A 1 8  ? 2.999   3.968   -8.781  1.00 62.74  ? 8   U   A P     1 
ATOM   151 O OP1   . U   A 1 8  ? 3.860   4.291   -9.939  1.00 77.63  ? 8   U   A OP1   1 
ATOM   152 O OP2   . U   A 1 8  ? 3.515   3.184   -7.650  1.00 74.97  ? 8   U   A OP2   1 
ATOM   153 O "O5'" . U   A 1 8  ? 2.416   5.257   -8.036  1.00 54.27  ? 8   U   A "O5'" 1 
ATOM   154 C "C5'" . U   A 1 8  ? 2.235   6.420   -8.823  1.00 63.18  ? 8   U   A "C5'" 1 
ATOM   155 C "C4'" . U   A 1 8  ? 1.473   7.452   -8.059  1.00 66.29  ? 8   U   A "C4'" 1 
ATOM   156 O "O4'" . U   A 1 8  ? 0.203   6.908   -7.625  1.00 60.86  ? 8   U   A "O4'" 1 
ATOM   157 C "C3'" . U   A 1 8  ? 2.134   7.945   -6.781  1.00 70.13  ? 8   U   A "C3'" 1 
ATOM   158 O "O3'" . U   A 1 8  ? 3.213   8.845   -7.109  1.00 72.85  ? 8   U   A "O3'" 1 
ATOM   159 C "C2'" . U   A 1 8  ? 0.932   8.547   -6.053  1.00 74.03  ? 8   U   A "C2'" 1 
ATOM   160 O "O2'" . U   A 1 8  ? 0.537   9.864   -6.399  1.00 74.18  ? 8   U   A "O2'" 1 
ATOM   161 C "C1'" . U   A 1 8  ? -0.188  7.560   -6.426  1.00 63.71  ? 8   U   A "C1'" 1 
ATOM   162 N N1    . U   A 1 8  ? -0.352  6.573   -5.357  1.00 60.36  ? 8   U   A N1    1 
ATOM   163 C C2    . U   A 1 8  ? -0.937  7.018   -4.186  1.00 66.42  ? 8   U   A C2    1 
ATOM   164 O O2    . U   A 1 8  ? -1.427  8.129   -4.070  1.00 63.77  ? 8   U   A O2    1 
ATOM   165 N N3    . U   A 1 8  ? -0.969  6.099   -3.173  1.00 53.84  ? 8   U   A N3    1 
ATOM   166 C C4    . U   A 1 8  ? -0.484  4.808   -3.205  1.00 63.11  ? 8   U   A C4    1 
ATOM   167 O O4    . U   A 1 8  ? -0.618  4.090   -2.218  1.00 52.43  ? 8   U   A O4    1 
ATOM   168 C C5    . U   A 1 8  ? 0.143   4.435   -4.434  1.00 68.86  ? 8   U   A C5    1 
ATOM   169 C C6    . U   A 1 8  ? 0.205   5.316   -5.437  1.00 59.15  ? 8   U   A C6    1 
ATOM   170 P P     . A   A 1 9  ? 4.610   8.985   -6.225  1.00 67.19  ? 9   A   A P     1 
ATOM   171 O OP1   . A   A 1 9  ? 5.562   9.762   -7.041  1.00 79.00  ? 9   A   A OP1   1 
ATOM   172 O OP2   . A   A 1 9  ? 5.050   7.656   -5.743  1.00 54.86  ? 9   A   A OP2   1 
ATOM   173 O "O5'" . A   A 1 9  ? 4.156   9.748   -4.906  1.00 65.54  ? 9   A   A "O5'" 1 
ATOM   174 C "C5'" . A   A 1 9  ? 3.702   11.099  -5.014  1.00 73.38  ? 9   A   A "C5'" 1 
ATOM   175 C "C4'" . A   A 1 9  ? 3.060   11.523  -3.732  1.00 70.61  ? 9   A   A "C4'" 1 
ATOM   176 O "O4'" . A   A 1 9  ? 1.827   10.789  -3.518  1.00 73.60  ? 9   A   A "O4'" 1 
ATOM   177 C "C3'" . A   A 1 9  ? 3.865   11.229  -2.474  1.00 72.69  ? 9   A   A "C3'" 1 
ATOM   178 O "O3'" . A   A 1 9  ? 4.886   12.181  -2.218  1.00 72.63  ? 9   A   A "O3'" 1 
ATOM   179 C "C2'" . A   A 1 9  ? 2.792   11.307  -1.402  1.00 76.89  ? 9   A   A "C2'" 1 
ATOM   180 O "O2'" . A   A 1 9  ? 2.539   12.621  -0.955  1.00 79.50  ? 9   A   A "O2'" 1 
ATOM   181 C "C1'" . A   A 1 9  ? 1.628   10.620  -2.112  1.00 82.80  ? 9   A   A "C1'" 1 
ATOM   182 N N9    . A   A 1 9  ? 1.609   9.191   -1.782  1.00 77.99  ? 9   A   A N9    1 
ATOM   183 C C8    . A   A 1 9  ? 2.215   8.135   -2.419  1.00 70.81  ? 9   A   A C8    1 
ATOM   184 N N7    . A   A 1 9  ? 2.033   6.985   -1.819  1.00 61.81  ? 9   A   A N7    1 
ATOM   185 C C5    . A   A 1 9  ? 1.289   7.310   -0.693  1.00 65.35  ? 9   A   A C5    1 
ATOM   186 C C6    . A   A 1 9  ? 0.771   6.530   0.359   1.00 70.70  ? 9   A   A C6    1 
ATOM   187 N N6    . A   A 1 9  ? 0.917   5.212   0.440   1.00 75.38  ? 9   A   A N6    1 
ATOM   188 N N1    . A   A 1 9  ? 0.076   7.161   1.330   1.00 71.62  ? 9   A   A N1    1 
ATOM   189 C C2    . A   A 1 9  ? -0.086  8.487   1.238   1.00 73.48  ? 9   A   A C2    1 
ATOM   190 N N3    . A   A 1 9  ? 0.352   9.327   0.301   1.00 74.78  ? 9   A   A N3    1 
ATOM   191 C C4    . A   A 1 9  ? 1.040   8.667   -0.646  1.00 69.31  ? 9   A   A C4    1 
ATOM   192 P P     . A   A 1 10 ? 6.310   11.677  -1.656  1.00 88.27  ? 10  A   A P     1 
ATOM   193 O OP1   . A   A 1 10 ? 7.280   12.784  -1.797  1.00 101.34 ? 10  A   A OP1   1 
ATOM   194 O OP2   . A   A 1 10 ? 6.606   10.353  -2.278  1.00 79.28  ? 10  A   A OP2   1 
ATOM   195 O "O5'" . A   A 1 10 ? 6.091   11.616  -0.084  1.00 68.44  ? 10  A   A "O5'" 1 
ATOM   196 C "C5'" . A   A 1 10 ? 5.577   12.784  0.564   1.00 67.43  ? 10  A   A "C5'" 1 
ATOM   197 C "C4'" . A   A 1 10 ? 4.994   12.418  1.892   1.00 76.62  ? 10  A   A "C4'" 1 
ATOM   198 O "O4'" . A   A 1 10 ? 3.807   11.599  1.733   1.00 70.35  ? 10  A   A "O4'" 1 
ATOM   199 C "C3'" . A   A 1 10 ? 5.885   11.572  2.787   1.00 72.04  ? 10  A   A "C3'" 1 
ATOM   200 O "O3'" . A   A 1 10 ? 6.857   12.362  3.445   1.00 84.22  ? 10  A   A "O3'" 1 
ATOM   201 C "C2'" . A   A 1 10 ? 4.872   11.020  3.778   1.00 75.75  ? 10  A   A "C2'" 1 
ATOM   202 O "O2'" . A   A 1 10 ? 4.552   11.903  4.833   1.00 67.37  ? 10  A   A "O2'" 1 
ATOM   203 C "C1'" . A   A 1 10 ? 3.691   10.720  2.852   1.00 78.41  ? 10  A   A "C1'" 1 
ATOM   204 N N9    . A   A 1 10 ? 3.739   9.332   2.383   1.00 64.17  ? 10  A   A N9    1 
ATOM   205 C C8    . A   A 1 10 ? 4.274   8.843   1.214   1.00 72.22  ? 10  A   A C8    1 
ATOM   206 N N7    . A   A 1 10 ? 4.190   7.542   1.100   1.00 69.36  ? 10  A   A N7    1 
ATOM   207 C C5    . A   A 1 10 ? 3.579   7.142   2.283   1.00 63.29  ? 10  A   A C5    1 
ATOM   208 C C6    . A   A 1 10 ? 3.215   5.876   2.777   1.00 63.49  ? 10  A   A C6    1 
ATOM   209 N N6    . A   A 1 10 ? 3.415   4.746   2.106   1.00 53.16  ? 10  A   A N6    1 
ATOM   210 N N1    . A   A 1 10 ? 2.623   5.813   3.989   1.00 57.17  ? 10  A   A N1    1 
ATOM   211 C C2    . A   A 1 10 ? 2.404   6.962   4.649   1.00 61.55  ? 10  A   A C2    1 
ATOM   212 N N3    . A   A 1 10 ? 2.721   8.212   4.297   1.00 62.99  ? 10  A   A N3    1 
ATOM   213 C C4    . A   A 1 10 ? 3.304   8.232   3.085   1.00 61.71  ? 10  A   A C4    1 
ATOM   214 P P     . G   A 1 11 ? 8.216   11.707  3.827   1.00 77.06  ? 11  G   A P     1 
ATOM   215 O OP1   . G   A 1 11 ? 9.104   12.782  4.332   1.00 92.52  ? 11  G   A OP1   1 
ATOM   216 O OP2   . G   A 1 11 ? 8.646   10.891  2.654   1.00 94.33  ? 11  G   A OP2   1 
ATOM   217 O "O5'" . G   A 1 11 ? 7.829   10.771  5.060   1.00 67.00  ? 11  G   A "O5'" 1 
ATOM   218 C "C5'" . G   A 1 11 ? 7.452   11.323  6.335   1.00 59.51  ? 11  G   A "C5'" 1 
ATOM   219 C "C4'" . G   A 1 11 ? 6.923   10.246  7.246   1.00 59.66  ? 11  G   A "C4'" 1 
ATOM   220 O "O4'" . G   A 1 11 ? 5.809   9.556   6.621   1.00 77.00  ? 11  G   A "O4'" 1 
ATOM   221 C "C3'" . G   A 1 11 ? 7.863   9.108   7.597   1.00 63.10  ? 11  G   A "C3'" 1 
ATOM   222 O "O3'" . G   A 1 11 ? 8.718   9.374   8.686   1.00 66.77  ? 11  G   A "O3'" 1 
ATOM   223 C "C2'" . G   A 1 11 ? 6.878   8.074   8.114   1.00 67.07  ? 11  G   A "C2'" 1 
ATOM   224 O "O2'" . G   A 1 11 ? 6.368   8.374   9.396   1.00 65.70  ? 11  G   A "O2'" 1 
ATOM   225 C "C1'" . G   A 1 11 ? 5.773   8.210   7.079   1.00 70.28  ? 11  G   A "C1'" 1 
ATOM   226 N N9    . G   A 1 11 ? 5.970   7.291   5.960   1.00 68.06  ? 11  G   A N9    1 
ATOM   227 C C8    . G   A 1 11 ? 6.476   7.545   4.706   1.00 66.44  ? 11  G   A C8    1 
ATOM   228 N N7    . G   A 1 11 ? 6.530   6.479   3.953   1.00 61.05  ? 11  G   A N7    1 
ATOM   229 C C5    . G   A 1 11 ? 6.045   5.460   4.764   1.00 60.12  ? 11  G   A C5    1 
ATOM   230 C C6    . G   A 1 11 ? 5.857   4.077   4.495   1.00 55.87  ? 11  G   A C6    1 
ATOM   231 O O6    . G   A 1 11 ? 6.077   3.458   3.448   1.00 51.30  ? 11  G   A O6    1 
ATOM   232 N N1    . G   A 1 11 ? 5.341   3.405   5.600   1.00 55.27  ? 11  G   A N1    1 
ATOM   233 C C2    . G   A 1 11 ? 5.037   3.988   6.805   1.00 51.90  ? 11  G   A C2    1 
ATOM   234 N N2    . G   A 1 11 ? 4.556   3.172   7.757   1.00 55.91  ? 11  G   A N2    1 
ATOM   235 N N3    . G   A 1 11 ? 5.207   5.271   7.068   1.00 66.15  ? 11  G   A N3    1 
ATOM   236 C C4    . G   A 1 11 ? 5.696   5.945   6.004   1.00 61.06  ? 11  G   A C4    1 
ATOM   237 P P     . U   A 1 12 ? 10.135  8.681   8.763   1.00 68.58  ? 12  U   A P     1 
ATOM   238 O OP1   . U   A 1 12 ? 10.992  9.469   9.667   1.00 80.35  ? 12  U   A OP1   1 
ATOM   239 O OP2   . U   A 1 12 ? 10.564  8.327   7.391   1.00 74.85  ? 12  U   A OP2   1 
ATOM   240 O "O5'" . U   A 1 12 ? 9.839   7.341   9.562   1.00 73.92  ? 12  U   A "O5'" 1 
ATOM   241 C "C5'" . U   A 1 12 ? 9.355   7.351   10.912  1.00 69.26  ? 12  U   A "C5'" 1 
ATOM   242 C "C4'" . U   A 1 12 ? 8.973   5.933   11.230  1.00 64.79  ? 12  U   A "C4'" 1 
ATOM   243 O "O4'" . U   A 1 12 ? 7.990   5.491   10.251  1.00 71.56  ? 12  U   A "O4'" 1 
ATOM   244 C "C3'" . U   A 1 12 ? 10.090  4.917   11.046  1.00 64.91  ? 12  U   A "C3'" 1 
ATOM   245 O "O3'" . U   A 1 12 ? 10.985  4.747   12.131  1.00 55.87  ? 12  U   A "O3'" 1 
ATOM   246 C "C2'" . U   A 1 12 ? 9.308   3.632   10.897  1.00 64.76  ? 12  U   A "C2'" 1 
ATOM   247 O "O2'" . U   A 1 12 ? 8.867   3.083   12.124  1.00 67.94  ? 12  U   A "O2'" 1 
ATOM   248 C "C1'" . U   A 1 12 ? 8.157   4.101   10.019  1.00 58.87  ? 12  U   A "C1'" 1 
ATOM   249 N N1    . U   A 1 12 ? 8.388   3.869   8.592   1.00 60.39  ? 12  U   A N1    1 
ATOM   250 C C2    . U   A 1 12 ? 8.210   2.576   8.122   1.00 64.33  ? 12  U   A C2    1 
ATOM   251 O O2    . U   A 1 12 ? 7.881   1.647   8.835   1.00 55.92  ? 12  U   A O2    1 
ATOM   252 N N3    . U   A 1 12 ? 8.459   2.411   6.786   1.00 52.80  ? 12  U   A N3    1 
ATOM   253 C C4    . U   A 1 12 ? 8.806   3.382   5.882   1.00 50.14  ? 12  U   A C4    1 
ATOM   254 O O4    . U   A 1 12 ? 8.962   3.074   4.716   1.00 48.97  ? 12  U   A O4    1 
ATOM   255 C C5    . U   A 1 12 ? 9.004   4.682   6.445   1.00 62.11  ? 12  U   A C5    1 
ATOM   256 C C6    . U   A 1 12 ? 8.835   4.865   7.757   1.00 55.20  ? 12  U   A C6    1 
ATOM   257 P P     . C   A 1 13 ? 12.492  4.331   11.833  1.00 67.47  ? 13  C   A P     1 
ATOM   258 O OP1   . C   A 1 13 ? 13.296  4.659   13.031  1.00 81.70  ? 13  C   A OP1   1 
ATOM   259 O OP2   . C   A 1 13 ? 12.856  4.867   10.517  1.00 64.41  ? 13  C   A OP2   1 
ATOM   260 O "O5'" . C   A 1 13 ? 12.458  2.761   11.572  1.00 70.69  ? 13  C   A "O5'" 1 
ATOM   261 C "C5'" . C   A 1 13 ? 12.185  1.827   12.611  1.00 62.20  ? 13  C   A "C5'" 1 
ATOM   262 C "C4'" . C   A 1 13 ? 11.796  0.514   11.989  1.00 57.47  ? 13  C   A "C4'" 1 
ATOM   263 O "O4'" . C   A 1 13 ? 10.808  0.700   10.939  1.00 53.32  ? 13  C   A "O4'" 1 
ATOM   264 C "C3'" . C   A 1 13 ? 12.901  -0.211  11.268  1.00 57.58  ? 13  C   A "C3'" 1 
ATOM   265 O "O3'" . C   A 1 13 ? 13.657  -0.735  12.322  1.00 55.75  ? 13  C   A "O3'" 1 
ATOM   266 C "C2'" . C   A 1 13 ? 12.099  -1.206  10.450  1.00 54.26  ? 13  C   A "C2'" 1 
ATOM   267 O "O2'" . C   A 1 13 ? 11.570  -2.178  11.322  1.00 48.66  ? 13  C   A "O2'" 1 
ATOM   268 C "C1'" . C   A 1 13 ? 10.965  -0.315  9.946   1.00 55.92  ? 13  C   A "C1'" 1 
ATOM   269 N N1    . C   A 1 13 ? 11.218  0.305   8.625   1.00 52.89  ? 13  C   A N1    1 
ATOM   270 C C2    . C   A 1 13 ? 11.067  -0.485  7.476   1.00 52.30  ? 13  C   A C2    1 
ATOM   271 O O2    . C   A 1 13 ? 10.720  -1.665  7.599   1.00 45.02  ? 13  C   A O2    1 
ATOM   272 N N3    . C   A 1 13 ? 11.352  0.044   6.267   1.00 40.19  ? 13  C   A N3    1 
ATOM   273 C C4    . C   A 1 13 ? 11.744  1.313   6.173   1.00 52.15  ? 13  C   A C4    1 
ATOM   274 N N4    . C   A 1 13 ? 11.978  1.797   4.965   1.00 47.30  ? 13  C   A N4    1 
ATOM   275 C C5    . C   A 1 13 ? 11.923  2.136   7.323   1.00 50.55  ? 13  C   A C5    1 
ATOM   276 C C6    . C   A 1 13 ? 11.673  1.589   8.518   1.00 54.57  ? 13  C   A C6    1 
ATOM   277 P P     . G   A 1 14 ? 15.113  -1.129  12.077  1.00 58.61  ? 14  G   A P     1 
ATOM   278 O OP1   . G   A 1 14 ? 15.511  -1.927  13.285  1.00 54.02  ? 14  G   A OP1   1 
ATOM   279 O OP2   . G   A 1 14 ? 15.827  0.058   11.609  1.00 58.45  ? 14  G   A OP2   1 
ATOM   280 O "O5'" . G   A 1 14 ? 15.033  -2.094  10.812  1.00 59.67  ? 14  G   A "O5'" 1 
ATOM   281 C "C5'" . G   A 1 14 ? 15.172  -3.516  11.019  1.00 48.68  ? 14  G   A "C5'" 1 
ATOM   282 C "C4'" . G   A 1 14 ? 14.996  -4.290  9.721   1.00 53.02  ? 14  G   A "C4'" 1 
ATOM   283 O "O4'" . G   A 1 14 ? 14.043  -3.622  8.848   1.00 47.56  ? 14  G   A "O4'" 1 
ATOM   284 C "C3'" . G   A 1 14 ? 16.215  -4.453  8.820   1.00 52.17  ? 14  G   A "C3'" 1 
ATOM   285 O "O3'" . G   A 1 14 ? 17.273  -5.265  9.235   1.00 64.34  ? 14  G   A "O3'" 1 
ATOM   286 C "C2'" . G   A 1 14 ? 15.567  -4.842  7.495   1.00 54.16  ? 14  G   A "C2'" 1 
ATOM   287 O "O2'" . G   A 1 14 ? 15.246  -6.215  7.531   1.00 61.77  ? 14  G   A "O2'" 1 
ATOM   288 C "C1'" . G   A 1 14 ? 14.283  -4.003  7.508   1.00 50.99  ? 14  G   A "C1'" 1 
ATOM   289 N N9    . G   A 1 14 ? 14.281  -2.800  6.666   1.00 45.57  ? 14  G   A N9    1 
ATOM   290 C C8    . G   A 1 14 ? 14.331  -1.492  7.086   1.00 48.89  ? 14  G   A C8    1 
ATOM   291 N N7    . G   A 1 14 ? 14.337  -0.637  6.098   1.00 49.73  ? 14  G   A N7    1 
ATOM   292 C C5    . G   A 1 14 ? 14.243  -1.424  4.957   1.00 42.79  ? 14  G   A C5    1 
ATOM   293 C C6    . G   A 1 14 ? 14.232  -1.059  3.590   1.00 50.27  ? 14  G   A C6    1 
ATOM   294 O O6    . G   A 1 14 ? 14.251  0.067   3.090   1.00 53.95  ? 14  G   A O6    1 
ATOM   295 N N1    . G   A 1 14 ? 14.141  -2.166  2.767   1.00 44.39  ? 14  G   A N1    1 
ATOM   296 C C2    . G   A 1 14 ? 14.210  -3.466  3.190   1.00 49.21  ? 14  G   A C2    1 
ATOM   297 N N2    . G   A 1 14 ? 14.141  -4.391  2.234   1.00 43.55  ? 14  G   A N2    1 
ATOM   298 N N3    . G   A 1 14 ? 14.222  -3.831  4.465   1.00 49.33  ? 14  G   A N3    1 
ATOM   299 C C4    . G   A 1 14 ? 14.277  -2.764  5.286   1.00 40.69  ? 14  G   A C4    1 
HETATM 300 O "O5'" . LCC B 1 1  ? 18.162  7.793   -9.186  1.00 48.87  ? 1   LCC B "O5'" 1 
HETATM 301 C "C5'" . LCC B 1 1  ? 18.763  6.885   -10.154 1.00 57.83  ? 1   LCC B "C5'" 1 
HETATM 302 C "C4'" . LCC B 1 1  ? 19.155  5.687   -9.265  1.00 46.51  ? 1   LCC B "C4'" 1 
HETATM 303 O "O4'" . LCC B 1 1  ? 20.056  5.905   -8.136  1.00 51.51  ? 1   LCC B "O4'" 1 
HETATM 304 C "C1'" . LCC B 1 1  ? 20.061  4.645   -7.367  1.00 50.88  ? 1   LCC B "C1'" 1 
HETATM 305 N N1    . LCC B 1 1  ? 19.819  4.966   -5.956  1.00 47.67  ? 1   LCC B N1    1 
HETATM 306 C C6    . LCC B 1 1  ? 19.451  6.274   -5.574  1.00 48.38  ? 1   LCC B C6    1 
HETATM 307 C C5    . LCC B 1 1  ? 19.250  6.496   -4.246  1.00 46.72  ? 1   LCC B C5    1 
HETATM 308 C C5M   . LCC B 1 1  ? 18.918  7.732   -3.777  1.00 62.86  ? 1   LCC B C5M   1 
HETATM 309 C C4    . LCC B 1 1  ? 19.398  5.423   -3.403  1.00 49.45  ? 1   LCC B C4    1 
HETATM 310 N N4    . LCC B 1 1  ? 19.210  5.573   -2.096  1.00 51.42  ? 1   LCC B N4    1 
HETATM 311 N N3    . LCC B 1 1  ? 19.713  4.217   -3.861  1.00 48.55  ? 1   LCC B N3    1 
HETATM 312 C C2    . LCC B 1 1  ? 19.899  3.978   -5.123  1.00 53.78  ? 1   LCC B C2    1 
HETATM 313 O O2    . LCC B 1 1  ? 20.206  2.832   -5.473  1.00 52.13  ? 1   LCC B O2    1 
HETATM 314 C "C3'" . LCC B 1 1  ? 18.110  5.149   -8.316  1.00 49.49  ? 1   LCC B "C3'" 1 
HETATM 315 C "C2'" . LCC B 1 1  ? 18.896  3.949   -8.007  1.00 46.17  ? 1   LCC B "C2'" 1 
HETATM 316 O "O2'" . LCC B 1 1  ? 19.468  3.382   -9.320  1.00 54.43  ? 1   LCC B "O2'" 1 
HETATM 317 O "O3'" . LCC B 1 1  ? 16.969  4.901   -9.041  1.00 48.85  ? 1   LCC B "O3'" 1 
HETATM 318 C "C6'" . LCC B 1 1  ? 19.533  4.571   -10.241 1.00 49.89  ? 1   LCC B "C6'" 1 
HETATM 319 O "O5'" . LCC B 1 2  ? 15.760  2.443   -8.385  1.00 44.42  ? 2   LCC B "O5'" 1 
HETATM 320 C "C5'" . LCC B 1 2  ? 16.396  1.401   -9.119  1.00 39.82  ? 2   LCC B "C5'" 1 
HETATM 321 C "C4'" . LCC B 1 2  ? 16.743  0.367   -8.025  1.00 48.19  ? 2   LCC B "C4'" 1 
HETATM 322 O "O4'" . LCC B 1 2  ? 17.691  0.719   -7.073  1.00 47.15  ? 2   LCC B "O4'" 1 
HETATM 323 C "C1'" . LCC B 1 2  ? 17.408  -0.148  -5.971  1.00 46.71  ? 2   LCC B "C1'" 1 
HETATM 324 N N1    . LCC B 1 2  ? 17.205  0.652   -4.757  1.00 46.45  ? 2   LCC B N1    1 
HETATM 325 C C6    . LCC B 1 2  ? 16.866  1.953   -4.899  1.00 45.39  ? 2   LCC B C6    1 
HETATM 326 C C5    . LCC B 1 2  ? 16.690  2.681   -3.731  1.00 45.25  ? 2   LCC B C5    1 
HETATM 327 C C5M   . LCC B 1 2  ? 16.321  3.978   -3.875  1.00 55.97  ? 2   LCC B C5M   1 
HETATM 328 C C4    . LCC B 1 2  ? 16.907  2.033   -2.524  1.00 51.72  ? 2   LCC B C4    1 
HETATM 329 N N4    . LCC B 1 2  ? 16.825  2.665   -1.412  1.00 46.53  ? 2   LCC B N4    1 
HETATM 330 N N3    . LCC B 1 2  ? 17.265  0.774   -2.464  1.00 41.72  ? 2   LCC B N3    1 
HETATM 331 C C2    . LCC B 1 2  ? 17.434  0.071   -3.596  1.00 52.48  ? 2   LCC B C2    1 
HETATM 332 O O2    . LCC B 1 2  ? 17.762  -1.146  -3.495  1.00 52.83  ? 2   LCC B O2    1 
HETATM 333 C "C3'" . LCC B 1 2  ? 15.561  0.073   -7.217  1.00 46.05  ? 2   LCC B "C3'" 1 
HETATM 334 C "C2'" . LCC B 1 2  ? 16.215  -0.928  -6.403  1.00 45.80  ? 2   LCC B "C2'" 1 
HETATM 335 O "O2'" . LCC B 1 2  ? 16.742  -1.857  -7.386  1.00 58.77  ? 2   LCC B "O2'" 1 
HETATM 336 O "O3'" . LCC B 1 2  ? 14.564  -0.521  -8.108  1.00 50.60  ? 2   LCC B "O3'" 1 
HETATM 337 C "C6'" . LCC B 1 2  ? 17.195  -0.983  -8.630  1.00 50.63  ? 2   LCC B "C6'" 1 
HETATM 338 P P     . LCC B 1 2  ? 15.545  3.974   -9.058  1.00 52.30  ? 2   LCC B P     1 
HETATM 339 O O1P   . LCC B 1 2  ? 14.884  4.642   -7.895  1.00 44.12  ? 2   LCC B O1P   1 
HETATM 340 O O2P   . LCC B 1 2  ? 14.649  3.700   -10.380 1.00 56.12  ? 2   LCC B O2P   1 
HETATM 341 O "O5'" . LCC B 1 3  ? 13.155  -1.804  -6.169  1.00 54.25  ? 3   LCC B "O5'" 1 
HETATM 342 C "C5'" . LCC B 1 3  ? 13.561  -3.112  -6.566  1.00 39.62  ? 3   LCC B "C5'" 1 
HETATM 343 C "C4'" . LCC B 1 3  ? 13.746  -3.927  -5.293  1.00 43.91  ? 3   LCC B "C4'" 1 
HETATM 344 O "O4'" . LCC B 1 3  ? 14.727  -3.441  -4.457  1.00 44.21  ? 3   LCC B "O4'" 1 
HETATM 345 C "C1'" . LCC B 1 3  ? 14.505  -3.965  -3.152  1.00 35.22  ? 3   LCC B "C1'" 1 
HETATM 346 N N1    . LCC B 1 3  ? 14.267  -2.654  -2.375  1.00 42.35  ? 3   LCC B N1    1 
HETATM 347 C C6    . LCC B 1 3  ? 13.912  -1.483  -2.928  1.00 50.66  ? 3   LCC B C6    1 
HETATM 348 C C5    . LCC B 1 3  ? 13.700  -0.419  -2.058  1.00 48.63  ? 3   LCC B C5    1 
HETATM 349 C C5M   . LCC B 1 3  ? 13.377  0.848   -2.591  1.00 56.60  ? 3   LCC B C5M   1 
HETATM 350 C C4    . LCC B 1 3  ? 13.913  -0.654  -0.707  1.00 51.12  ? 3   LCC B C4    1 
HETATM 351 N N4    . LCC B 1 3  ? 13.770  0.378   0.060   1.00 49.11  ? 3   LCC B N4    1 
HETATM 352 N N3    . LCC B 1 3  ? 14.300  -1.822  -0.137  1.00 45.34  ? 3   LCC B N3    1 
HETATM 353 C C2    . LCC B 1 3  ? 14.423  -2.792  -1.026  1.00 54.63  ? 3   LCC B C2    1 
HETATM 354 O O2    . LCC B 1 3  ? 14.694  -3.873  -0.517  1.00 50.71  ? 3   LCC B O2    1 
HETATM 355 C "C3'" . LCC B 1 3  ? 12.720  -3.916  -4.363  1.00 40.26  ? 3   LCC B "C3'" 1 
HETATM 356 C "C2'" . LCC B 1 3  ? 13.340  -4.804  -3.335  1.00 39.60  ? 3   LCC B "C2'" 1 
HETATM 357 O "O2'" . LCC B 1 3  ? 13.674  -5.947  -4.156  1.00 43.59  ? 3   LCC B "O2'" 1 
HETATM 358 O "O3'" . LCC B 1 3  ? 11.715  -4.673  -4.917  1.00 62.43  ? 3   LCC B "O3'" 1 
HETATM 359 C "C6'" . LCC B 1 3  ? 14.089  -5.423  -5.524  1.00 42.76  ? 3   LCC B "C6'" 1 
HETATM 360 P P     . LCC B 1 3  ? 13.089  -0.717  -7.325  1.00 53.50  ? 3   LCC B P     1 
HETATM 361 O O1P   . LCC B 1 3  ? 12.653  0.558   -6.490  1.00 53.27  ? 3   LCC B O1P   1 
HETATM 362 O O2P   . LCC B 1 3  ? 12.358  -1.313  -8.521  1.00 45.48  ? 3   LCC B O2P   1 
HETATM 363 P P     . LCG B 1 4  ? 10.069  -4.534  -4.533  1.00 48.11  ? 4   LCG B P     1 
HETATM 364 O OP1   . LCG B 1 4  ? 9.266   -5.230  -5.668  1.00 46.13  ? 4   LCG B OP1   1 
HETATM 365 O "O5'" . LCG B 1 4  ? 9.545   -4.962  -3.082  1.00 47.15  ? 4   LCG B "O5'" 1 
HETATM 366 C "C5'" . LCG B 1 4  ? 9.943   -6.323  -2.784  1.00 39.18  ? 4   LCG B "C5'" 1 
HETATM 367 C "C3'" . LCG B 1 4  ? 8.778   -5.710  -0.511  1.00 40.79  ? 4   LCG B "C3'" 1 
HETATM 368 C "C6'" . LCG B 1 4  ? 9.712   -7.856  -0.655  1.00 39.71  ? 4   LCG B "C6'" 1 
HETATM 369 N N9    . LCG B 1 4  ? 10.856  -3.904  0.732   1.00 37.78  ? 4   LCG B N9    1 
HETATM 370 C C8    . LCG B 1 4  ? 10.935  -2.889  -0.153  1.00 44.26  ? 4   LCG B C8    1 
HETATM 371 C C4    . LCG B 1 4  ? 10.893  -3.410  1.982   1.00 42.38  ? 4   LCG B C4    1 
HETATM 372 N N7    . LCG B 1 4  ? 10.973  -1.738  0.532   1.00 44.13  ? 4   LCG B N7    1 
HETATM 373 C C5    . LCG B 1 4  ? 11.034  -2.083  1.824   1.00 52.60  ? 4   LCG B C5    1 
HETATM 374 C C6    . LCG B 1 4  ? 11.129  -1.283  2.879   1.00 53.13  ? 4   LCG B C6    1 
HETATM 375 C "C2'" . LCG B 1 4  ? 9.410   -6.002  0.838   1.00 39.45  ? 4   LCG B "C2'" 1 
HETATM 376 O O6    . LCG B 1 4  ? 11.252  -0.076  2.687   1.00 45.39  ? 4   LCG B O6    1 
HETATM 377 C "C4'" . LCG B 1 4  ? 9.903   -6.406  -1.225  1.00 42.43  ? 4   LCG B "C4'" 1 
HETATM 378 C "C1'" . LCG B 1 4  ? 10.763  -5.353  0.684   1.00 40.99  ? 4   LCG B "C1'" 1 
HETATM 379 C C2    . LCG B 1 4  ? 10.912  -3.213  4.347   1.00 43.93  ? 4   LCG B C2    1 
HETATM 380 N N1    . LCG B 1 4  ? 11.043  -1.803  4.168   1.00 52.46  ? 4   LCG B N1    1 
HETATM 381 O "O4'" . LCG B 1 4  ? 11.151  -5.762  -0.637  1.00 45.14  ? 4   LCG B "O4'" 1 
HETATM 382 O OP2   . LCG B 1 4  ? 9.997   -3.048  -4.403  1.00 48.77  ? 4   LCG B OP2   1 
HETATM 383 N N2    . LCG B 1 4  ? 10.841  -3.719  5.588   1.00 46.43  ? 4   LCG B N2    1 
HETATM 384 N N3    . LCG B 1 4  ? 10.840  -4.002  3.223   1.00 44.34  ? 4   LCG B N3    1 
HETATM 385 O "O2'" . LCG B 1 4  ? 9.593   -7.425  0.822   1.00 46.98  ? 4   LCG B "O2'" 1 
HETATM 386 O "O3'" . LCG B 1 4  ? 7.677   -6.517  -0.811  1.00 49.93  ? 4   LCG B "O3'" 1 
ATOM   387 P P     . A   B 1 5  ? 6.202   -5.680  -0.622  1.00 42.22  ? 5   A   B P     1 
ATOM   388 O OP1   . A   B 1 5  ? 5.343   -6.566  -1.466  1.00 42.38  ? 5   A   B OP1   1 
ATOM   389 O OP2   . A   B 1 5  ? 6.166   -4.216  -0.936  1.00 45.15  ? 5   A   B OP2   1 
ATOM   390 O "O5'" . A   B 1 5  ? 5.819   -5.766  0.926   1.00 43.28  ? 5   A   B "O5'" 1 
ATOM   391 C "C5'" . A   B 1 5  ? 6.031   -6.994  1.653   1.00 38.88  ? 5   A   B "C5'" 1 
ATOM   392 C "C4'" . A   B 1 5  ? 5.942   -6.690  3.156   1.00 45.52  ? 5   A   B "C4'" 1 
ATOM   393 O "O4'" . A   B 1 5  ? 7.173   -6.041  3.609   1.00 45.94  ? 5   A   B "O4'" 1 
ATOM   394 C "C3'" . A   B 1 5  ? 4.848   -5.746  3.608   1.00 40.43  ? 5   A   B "C3'" 1 
ATOM   395 O "O3'" . A   B 1 5  ? 3.555   -6.306  3.786   1.00 51.02  ? 5   A   B "O3'" 1 
ATOM   396 C "C2'" . A   B 1 5  ? 5.398   -5.268  4.945   1.00 40.32  ? 5   A   B "C2'" 1 
ATOM   397 O "O2'" . A   B 1 5  ? 5.236   -6.223  5.991   1.00 42.11  ? 5   A   B "O2'" 1 
ATOM   398 C "C1'" . A   B 1 5  ? 6.861   -5.079  4.585   1.00 45.72  ? 5   A   B "C1'" 1 
ATOM   399 N N9    . A   B 1 5  ? 7.131   -3.770  4.003   1.00 40.90  ? 5   A   B N9    1 
ATOM   400 C C8    . A   B 1 5  ? 7.340   -3.431  2.688   1.00 44.25  ? 5   A   B C8    1 
ATOM   401 N N7    . A   B 1 5  ? 7.605   -2.160  2.510   1.00 41.54  ? 5   A   B N7    1 
ATOM   402 C C5    . A   B 1 5  ? 7.615   -1.642  3.794   1.00 49.89  ? 5   A   B C5    1 
ATOM   403 C C6    . A   B 1 5  ? 7.948   -0.380  4.284   1.00 41.89  ? 5   A   B C6    1 
ATOM   404 N N6    . A   B 1 5  ? 8.203   0.666   3.495   1.00 52.24  ? 5   A   B N6    1 
ATOM   405 N N1    . A   B 1 5  ? 7.921   -0.197  5.618   1.00 47.74  ? 5   A   B N1    1 
ATOM   406 C C2    . A   B 1 5  ? 7.625   -1.238  6.400   1.00 42.49  ? 5   A   B C2    1 
ATOM   407 N N3    . A   B 1 5  ? 7.329   -2.489  6.058   1.00 51.47  ? 5   A   B N3    1 
ATOM   408 C C4    . A   B 1 5  ? 7.384   -2.635  4.725   1.00 44.67  ? 5   A   B C4    1 
ATOM   409 P P     . C   B 1 6  ? 2.147   -5.412  3.602   1.00 48.27  ? 6   C   B P     1 
ATOM   410 O OP1   . C   B 1 6  ? 1.014   -6.316  3.583   1.00 44.08  ? 6   C   B OP1   1 
ATOM   411 O OP2   . C   B 1 6  ? 2.317   -4.540  2.427   1.00 47.87  ? 6   C   B OP2   1 
ATOM   412 O "O5'" . C   B 1 6  ? 2.064   -4.500  4.925   1.00 47.46  ? 6   C   B "O5'" 1 
ATOM   413 C "C5'" . C   B 1 6  ? 2.049   -5.084  6.236   1.00 54.79  ? 6   C   B "C5'" 1 
ATOM   414 C "C4'" . C   B 1 6  ? 2.351   -4.017  7.238   1.00 53.79  ? 6   C   B "C4'" 1 
ATOM   415 O "O4'" . C   B 1 6  ? 3.702   -3.525  7.039   1.00 48.96  ? 6   C   B "O4'" 1 
ATOM   416 C "C3'" . C   B 1 6  ? 1.484   -2.769  7.100   1.00 55.27  ? 6   C   B "C3'" 1 
ATOM   417 O "O3'" . C   B 1 6  ? 0.365   -2.960  7.939   1.00 61.61  ? 6   C   B "O3'" 1 
ATOM   418 C "C2'" . C   B 1 6  ? 2.338   -1.729  7.785   1.00 53.87  ? 6   C   B "C2'" 1 
ATOM   419 O "O2'" . C   B 1 6  ? 2.280   -1.967  9.171   1.00 52.27  ? 6   C   B "O2'" 1 
ATOM   420 C "C1'" . C   B 1 6  ? 3.705   -2.109  7.244   1.00 48.12  ? 6   C   B "C1'" 1 
ATOM   421 N N1    . C   B 1 6  ? 4.004   -1.388  6.005   1.00 46.22  ? 6   C   B N1    1 
ATOM   422 C C2    . C   B 1 6  ? 4.423   -0.065  6.114   1.00 55.43  ? 6   C   B C2    1 
ATOM   423 O O2    . C   B 1 6  ? 4.568   0.420   7.245   1.00 51.13  ? 6   C   B O2    1 
ATOM   424 N N3    . C   B 1 6  ? 4.700   0.638   4.990   1.00 52.40  ? 6   C   B N3    1 
ATOM   425 C C4    . C   B 1 6  ? 4.564   0.057   3.794   1.00 44.98  ? 6   C   B C4    1 
ATOM   426 N N4    . C   B 1 6  ? 4.849   0.783   2.707   1.00 48.31  ? 6   C   B N4    1 
ATOM   427 C C5    . C   B 1 6  ? 4.107   -1.281  3.657   1.00 53.66  ? 6   C   B C5    1 
ATOM   428 C C6    . C   B 1 6  ? 3.837   -1.958  4.776   1.00 57.03  ? 6   C   B C6    1 
ATOM   429 P P     . U   B 1 7  ? -1.066  -2.343  7.583   1.00 52.30  ? 7   U   B P     1 
ATOM   430 O OP1   . U   B 1 7  ? -2.071  -3.074  8.406   1.00 64.09  ? 7   U   B OP1   1 
ATOM   431 O OP2   . U   B 1 7  ? -1.197  -2.197  6.139   1.00 58.43  ? 7   U   B OP2   1 
ATOM   432 O "O5'" . U   B 1 7  ? -0.996  -0.813  8.071   1.00 52.79  ? 7   U   B "O5'" 1 
ATOM   433 C "C5'" . U   B 1 7  ? -0.553  -0.507  9.391   1.00 53.36  ? 7   U   B "C5'" 1 
ATOM   434 C "C4'" . U   B 1 7  ? -0.342  0.966   9.532   1.00 60.34  ? 7   U   B "C4'" 1 
ATOM   435 O "O4'" . U   B 1 7  ? 0.984   1.333   9.064   1.00 60.42  ? 7   U   B "O4'" 1 
ATOM   436 C "C3'" . U   B 1 7  ? -1.291  1.871   8.756   1.00 56.43  ? 7   U   B "C3'" 1 
ATOM   437 O "O3'" . U   B 1 7  ? -2.479  1.937   9.549   1.00 59.11  ? 7   U   B "O3'" 1 
ATOM   438 C "C2'" . U   B 1 7  ? -0.468  3.152   8.765   1.00 59.60  ? 7   U   B "C2'" 1 
ATOM   439 O "O2'" . U   B 1 7  ? -0.369  3.598   10.103  1.00 58.77  ? 7   U   B "O2'" 1 
ATOM   440 C "C1'" . U   B 1 7  ? 0.923   2.603   8.442   1.00 52.16  ? 7   U   B "C1'" 1 
ATOM   441 N N1    . U   B 1 7  ? 1.230   2.456   7.017   1.00 50.60  ? 7   U   B N1    1 
ATOM   442 C C2    . U   B 1 7  ? 1.744   3.567   6.370   1.00 54.37  ? 7   U   B C2    1 
ATOM   443 O O2    . U   B 1 7  ? 1.939   4.628   6.930   1.00 61.22  ? 7   U   B O2    1 
ATOM   444 N N3    . U   B 1 7  ? 2.058   3.374   5.053   1.00 53.76  ? 7   U   B N3    1 
ATOM   445 C C4    . U   B 1 7  ? 1.813   2.257   4.299   1.00 53.32  ? 7   U   B C4    1 
ATOM   446 O O4    . U   B 1 7  ? 2.141   2.251   3.115   1.00 45.91  ? 7   U   B O4    1 
ATOM   447 C C5    . U   B 1 7  ? 1.300   1.134   5.040   1.00 52.85  ? 7   U   B C5    1 
ATOM   448 C C6    . U   B 1 7  ? 1.000   1.281   6.334   1.00 56.21  ? 7   U   B C6    1 
ATOM   449 P P     . U   B 1 8  ? -3.952  2.228   8.948   1.00 69.02  ? 8   U   B P     1 
ATOM   450 O OP1   . U   B 1 8  ? -4.892  2.072   10.087  1.00 80.10  ? 8   U   B OP1   1 
ATOM   451 O OP2   . U   B 1 8  ? -4.139  1.393   7.729   1.00 69.14  ? 8   U   B OP2   1 
ATOM   452 O "O5'" . U   B 1 8  ? -3.902  3.734   8.425   1.00 58.20  ? 8   U   B "O5'" 1 
ATOM   453 C "C5'" . U   B 1 8  ? -3.675  4.771   9.379   1.00 69.48  ? 8   U   B "C5'" 1 
ATOM   454 C "C4'" . U   B 1 8  ? -3.340  6.061   8.692   1.00 67.65  ? 8   U   B "C4'" 1 
ATOM   455 O "O4'" . U   B 1 8  ? -2.034  5.968   8.085   1.00 59.85  ? 8   U   B "O4'" 1 
ATOM   456 C "C3'" . U   B 1 8  ? -4.223  6.440   7.524   1.00 69.30  ? 8   U   B "C3'" 1 
ATOM   457 O "O3'" . U   B 1 8  ? -5.453  7.002   7.904   1.00 73.96  ? 8   U   B "O3'" 1 
ATOM   458 C "C2'" . U   B 1 8  ? -3.358  7.463   6.821   1.00 72.01  ? 8   U   B "C2'" 1 
ATOM   459 O "O2'" . U   B 1 8  ? -3.326  8.703   7.495   1.00 59.90  ? 8   U   B "O2'" 1 
ATOM   460 C "C1'" . U   B 1 8  ? -1.993  6.793   6.931   1.00 58.47  ? 8   U   B "C1'" 1 
ATOM   461 N N1    . U   B 1 8  ? -1.669  5.960   5.770   1.00 60.00  ? 8   U   B N1    1 
ATOM   462 C C2    . U   B 1 8  ? -1.132  6.585   4.656   1.00 60.90  ? 8   U   B C2    1 
ATOM   463 O O2    . U   B 1 8  ? -0.910  7.782   4.606   1.00 65.94  ? 8   U   B O2    1 
ATOM   464 N N3    . U   B 1 8  ? -0.834  5.746   3.614   1.00 51.74  ? 8   U   B N3    1 
ATOM   465 C C4    . U   B 1 8  ? -0.971  4.374   3.583   1.00 55.97  ? 8   U   B C4    1 
ATOM   466 O O4    . U   B 1 8  ? -0.648  3.756   2.565   1.00 51.42  ? 8   U   B O4    1 
ATOM   467 C C5    . U   B 1 8  ? -1.552  3.806   4.759   1.00 60.40  ? 8   U   B C5    1 
ATOM   468 C C6    . U   B 1 8  ? -1.872  4.598   5.789   1.00 58.24  ? 8   U   B C6    1 
ATOM   469 P P     . A   B 1 9  ? -6.748  6.607   7.091   1.00 71.02  ? 9   A   B P     1 
ATOM   470 O OP1   . A   B 1 9  ? -7.892  6.989   7.948   1.00 77.23  ? 9   A   B OP1   1 
ATOM   471 O OP2   . A   B 1 9  ? -6.605  5.200   6.650   1.00 78.07  ? 9   A   B OP2   1 
ATOM   472 O "O5'" . A   B 1 9  ? -6.576  7.458   5.750   1.00 64.73  ? 9   A   B "O5'" 1 
ATOM   473 C "C5'" . A   B 1 9  ? -6.552  8.875   5.916   1.00 68.98  ? 9   A   B "C5'" 1 
ATOM   474 C "C4'" . A   B 1 9  ? -6.304  9.570   4.615   1.00 72.61  ? 9   A   B "C4'" 1 
ATOM   475 O "O4'" . A   B 1 9  ? -4.933  9.365   4.222   1.00 65.44  ? 9   A   B "O4'" 1 
ATOM   476 C "C3'" . A   B 1 9  ? -7.112  9.108   3.412   1.00 67.65  ? 9   A   B "C3'" 1 
ATOM   477 O "O3'" . A   B 1 9  ? -8.343  9.798   3.301   1.00 73.81  ? 9   A   B "O3'" 1 
ATOM   478 C "C2'" . A   B 1 9  ? -6.261  9.615   2.266   1.00 72.51  ? 9   A   B "C2'" 1 
ATOM   479 O "O2'" . A   B 1 9  ? -6.517  10.974  1.975   1.00 68.83  ? 9   A   B "O2'" 1 
ATOM   480 C "C1'" . A   B 1 9  ? -4.860  9.343   2.805   1.00 70.73  ? 9   A   B "C1'" 1 
ATOM   481 N N9    . A   B 1 9  ? -4.373  8.034   2.379   1.00 71.64  ? 9   A   B N9    1 
ATOM   482 C C8    . A   B 1 9  ? -4.442  6.817   3.011   1.00 65.12  ? 9   A   B C8    1 
ATOM   483 N N7    . A   B 1 9  ? -3.919  5.836   2.316   1.00 70.42  ? 9   A   B N7    1 
ATOM   484 C C5    . A   B 1 9  ? -3.511  6.443   1.134   1.00 63.87  ? 9   A   B C5    1 
ATOM   485 C C6    . A   B 1 9  ? -2.862  5.947   -0.013  1.00 62.49  ? 9   A   B C6    1 
ATOM   486 N N6    . A   B 1 9  ? -2.510  4.674   -0.171  1.00 72.09  ? 9   A   B N6    1 
ATOM   487 N N1    . A   B 1 9  ? -2.596  6.815   -1.011  1.00 74.81  ? 9   A   B N1    1 
ATOM   488 C C2    . A   B 1 9  ? -2.934  8.098   -0.847  1.00 75.74  ? 9   A   B C2    1 
ATOM   489 N N3    . A   B 1 9  ? -3.528  8.687   0.191   1.00 71.44  ? 9   A   B N3    1 
ATOM   490 C C4    . A   B 1 9  ? -3.792  7.792   1.158   1.00 67.65  ? 9   A   B C4    1 
ATOM   491 P P     . A   B 1 10 ? -9.563  9.095   2.565   1.00 90.40  ? 10  A   B P     1 
ATOM   492 O OP1   . A   B 1 10 ? -10.751 9.950   2.763   1.00 89.90  ? 10  A   B OP1   1 
ATOM   493 O OP2   . A   B 1 10 ? -9.592  7.685   3.022   1.00 86.62  ? 10  A   B OP2   1 
ATOM   494 O "O5'" . A   B 1 10 ? -9.206  9.180   1.015   1.00 71.40  ? 10  A   B "O5'" 1 
ATOM   495 C "C5'" . A   B 1 10 ? -9.355  10.424  0.334   1.00 70.42  ? 10  A   B "C5'" 1 
ATOM   496 C "C4'" . A   B 1 10 ? -8.790  10.349  -1.052  1.00 72.04  ? 10  A   B "C4'" 1 
ATOM   497 O "O4'" . A   B 1 10 ? -7.372  10.033  -1.020  1.00 70.30  ? 10  A   B "O4'" 1 
ATOM   498 C "C3'" . A   B 1 10 ? -9.370  9.293   -1.983  1.00 67.90  ? 10  A   B "C3'" 1 
ATOM   499 O "O3'" . A   B 1 10 ? -10.624 9.610   -2.590  1.00 80.71  ? 10  A   B "O3'" 1 
ATOM   500 C "C2'" . A   B 1 10 ? -8.294  9.255   -3.058  1.00 74.92  ? 10  A   B "C2'" 1 
ATOM   501 O "O2'" . A   B 1 10 ? -8.424  10.316  -3.985  1.00 72.75  ? 10  A   B "O2'" 1 
ATOM   502 C "C1'" . A   B 1 10 ? -7.028  9.310   -2.199  1.00 76.29  ? 10  A   B "C1'" 1 
ATOM   503 N N9    . A   B 1 10 ? -6.610  7.959   -1.822  1.00 64.53  ? 10  A   B N9    1 
ATOM   504 C C8    . A   B 1 10 ? -7.013  7.219   -0.735  1.00 68.97  ? 10  A   B C8    1 
ATOM   505 N N7    . A   B 1 10 ? -6.505  6.013   -0.701  1.00 67.21  ? 10  A   B N7    1 
ATOM   506 C C5    . A   B 1 10 ? -5.732  5.944   -1.854  1.00 66.93  ? 10  A   B C5    1 
ATOM   507 C C6    . A   B 1 10 ? -4.944  4.914   -2.405  1.00 58.69  ? 10  A   B C6    1 
ATOM   508 N N6    . A   B 1 10 ? -4.790  3.722   -1.831  1.00 51.25  ? 10  A   B N6    1 
ATOM   509 N N1    . A   B 1 10 ? -4.310  5.158   -3.570  1.00 53.97  ? 10  A   B N1    1 
ATOM   510 C C2    . A   B 1 10 ? -4.466  6.366   -4.142  1.00 65.64  ? 10  A   B C2    1 
ATOM   511 N N3    . A   B 1 10 ? -5.195  7.407   -3.731  1.00 62.69  ? 10  A   B N3    1 
ATOM   512 C C4    . A   B 1 10 ? -5.807  7.128   -2.565  1.00 64.95  ? 10  A   B C4    1 
ATOM   513 P P     . G   B 1 11 ? -11.653 8.428   -3.023  1.00 80.56  ? 11  G   B P     1 
ATOM   514 O OP1   . G   B 1 11 ? -12.952 9.035   -3.429  1.00 75.46  ? 11  G   B OP1   1 
ATOM   515 O OP2   . G   B 1 11 ? -11.637 7.382   -1.955  1.00 76.93  ? 11  G   B OP2   1 
ATOM   516 O "O5'" . G   B 1 11 ? -11.039 7.871   -4.381  1.00 71.40  ? 11  G   B "O5'" 1 
ATOM   517 C "C5'" . G   B 1 11 ? -10.824 8.720   -5.520  1.00 76.53  ? 11  G   B "C5'" 1 
ATOM   518 C "C4'" . G   B 1 11 ? -9.901  8.056   -6.516  1.00 71.05  ? 11  G   B "C4'" 1 
ATOM   519 O "O4'" . G   B 1 11 ? -8.592  7.780   -5.936  1.00 71.99  ? 11  G   B "O4'" 1 
ATOM   520 C "C3'" . G   B 1 11 ? -10.348 6.700   -7.023  1.00 66.70  ? 11  G   B "C3'" 1 
ATOM   521 O "O3'" . G   B 1 11 ? -11.294 6.799   -8.054  1.00 66.19  ? 11  G   B "O3'" 1 
ATOM   522 C "C2'" . G   B 1 11 ? -9.052  6.147   -7.578  1.00 65.97  ? 11  G   B "C2'" 1 
ATOM   523 O "O2'" . G   B 1 11 ? -8.660  6.710   -8.814  1.00 68.94  ? 11  G   B "O2'" 1 
ATOM   524 C "C1'" . G   B 1 11 ? -8.092  6.561   -6.469  1.00 69.65  ? 11  G   B "C1'" 1 
ATOM   525 N N9    . G   B 1 11 ? -7.992  5.550   -5.414  1.00 63.33  ? 11  G   B N9    1 
ATOM   526 C C8    . G   B 1 11 ? -8.484  5.564   -4.129  1.00 63.67  ? 11  G   B C8    1 
ATOM   527 N N7    . G   B 1 11 ? -8.212  4.471   -3.468  1.00 51.64  ? 11  G   B N7    1 
ATOM   528 C C5    . G   B 1 11 ? -7.502  3.693   -4.372  1.00 57.69  ? 11  G   B C5    1 
ATOM   529 C C6    . G   B 1 11 ? -6.917  2.417   -4.216  1.00 50.71  ? 11  G   B C6    1 
ATOM   530 O O6    . G   B 1 11 ? -6.924  1.688   -3.216  1.00 50.75  ? 11  G   B O6    1 
ATOM   531 N N1    . G   B 1 11 ? -6.284  1.996   -5.382  1.00 49.06  ? 11  G   B N1    1 
ATOM   532 C C2    . G   B 1 11 ? -6.217  2.721   -6.550  1.00 49.19  ? 11  G   B C2    1 
ATOM   533 N N2    . G   B 1 11 ? -5.569  2.151   -7.580  1.00 48.76  ? 11  G   B N2    1 
ATOM   534 N N3    . G   B 1 11 ? -6.757  3.916   -6.703  1.00 64.93  ? 11  G   B N3    1 
ATOM   535 C C4    . G   B 1 11 ? -7.360  4.347   -5.574  1.00 50.65  ? 11  G   B C4    1 
ATOM   536 P P     . U   B 1 12 ? -12.391 5.693   -8.160  1.00 73.29  ? 12  U   B P     1 
ATOM   537 O OP1   . U   B 1 12 ? -13.472 6.205   -9.020  1.00 86.90  ? 12  U   B OP1   1 
ATOM   538 O OP2   . U   B 1 12 ? -12.676 5.204   -6.786  1.00 74.18  ? 12  U   B OP2   1 
ATOM   539 O "O5'" . U   B 1 12 ? -11.670 4.577   -9.021  1.00 77.11  ? 12  U   B "O5'" 1 
ATOM   540 C "C5'" . U   B 1 12 ? -11.133 4.896   -10.311 1.00 78.34  ? 12  U   B "C5'" 1 
ATOM   541 C "C4'" . U   B 1 12 ? -10.361 3.699   -10.758 1.00 68.81  ? 12  U   B "C4'" 1 
ATOM   542 O "O4'" . U   B 1 12 ? -9.231  3.502   -9.855  1.00 72.75  ? 12  U   B "O4'" 1 
ATOM   543 C "C3'" . U   B 1 12 ? -11.108 2.381   -10.647 1.00 65.51  ? 12  U   B "C3'" 1 
ATOM   544 O "O3'" . U   B 1 12 ? -11.949 2.112   -11.755 1.00 65.17  ? 12  U   B "O3'" 1 
ATOM   545 C "C2'" . U   B 1 12 ? -9.953  1.407   -10.656 1.00 66.51  ? 12  U   B "C2'" 1 
ATOM   546 O "O2'" . U   B 1 12 ? -9.444  1.241   -11.967 1.00 62.79  ? 12  U   B "O2'" 1 
ATOM   547 C "C1'" . U   B 1 12 ? -8.982  2.114   -9.719  1.00 61.66  ? 12  U   B "C1'" 1 
ATOM   548 N N1    . U   B 1 12 ? -9.179  1.713   -8.317  1.00 65.07  ? 12  U   B N1    1 
ATOM   549 C C2    . U   B 1 12 ? -8.518  0.570   -7.896  1.00 65.97  ? 12  U   B C2    1 
ATOM   550 O O2    . U   B 1 12 ? -7.801  -0.084  -8.628  1.00 68.96  ? 12  U   B O2    1 
ATOM   551 N N3    . U   B 1 12 ? -8.751  0.213   -6.590  1.00 49.13  ? 12  U   B N3    1 
ATOM   552 C C4    . U   B 1 12 ? -9.532  0.868   -5.681  1.00 44.63  ? 12  U   B C4    1 
ATOM   553 O O4    . U   B 1 12 ? -9.611  0.440   -4.538  1.00 51.26  ? 12  U   B O4    1 
ATOM   554 C C5    . U   B 1 12 ? -10.193 2.034   -6.189  1.00 59.48  ? 12  U   B C5    1 
ATOM   555 C C6    . U   B 1 12 ? -10.016 2.392   -7.466  1.00 54.91  ? 12  U   B C6    1 
ATOM   556 P P     . C   B 1 13 ? -13.210 1.147   -11.604 1.00 69.33  ? 13  C   B P     1 
ATOM   557 O OP1   . C   B 1 13 ? -14.054 1.307   -12.816 1.00 72.74  ? 13  C   B OP1   1 
ATOM   558 O OP2   . C   B 1 13 ? -13.787 1.387   -10.262 1.00 59.01  ? 13  C   B OP2   1 
ATOM   559 O "O5'" . C   B 1 13 ? -12.608 -0.324  -11.515 1.00 69.12  ? 13  C   B "O5'" 1 
ATOM   560 C "C5'" . C   B 1 13 ? -12.008 -0.972  -12.635 1.00 60.70  ? 13  C   B "C5'" 1 
ATOM   561 C "C4'" . C   B 1 13 ? -11.349 -2.234  -12.150 1.00 53.88  ? 13  C   B "C4'" 1 
ATOM   562 O "O4'" . C   B 1 13 ? -10.408 -1.906  -11.087 1.00 52.43  ? 13  C   B "O4'" 1 
ATOM   563 C "C3'" . C   B 1 13 ? -12.260 -3.258  -11.505 1.00 52.61  ? 13  C   B "C3'" 1 
ATOM   564 O "O3'" . C   B 1 13 ? -12.871 -4.044  -12.504 1.00 50.95  ? 13  C   B "O3'" 1 
ATOM   565 C "C2'" . C   B 1 13 ? -11.254 -4.072  -10.722 1.00 49.52  ? 13  C   B "C2'" 1 
ATOM   566 O "O2'" . C   B 1 13 ? -10.390 -4.763  -11.570 1.00 48.96  ? 13  C   B "O2'" 1 
ATOM   567 C "C1'" . C   B 1 13 ? -10.366 -2.975  -10.154 1.00 57.12  ? 13  C   B "C1'" 1 
ATOM   568 N N1    . C   B 1 13 ? -10.807 -2.516  -8.832  1.00 50.67  ? 13  C   B N1    1 
ATOM   569 C C2    . C   B 1 13 ? -10.525 -3.337  -7.739  1.00 57.90  ? 13  C   B C2    1 
ATOM   570 O O2    . C   B 1 13 ? -9.925  -4.407  -7.930  1.00 50.59  ? 13  C   B O2    1 
ATOM   571 N N3    . C   B 1 13 ? -10.916 -2.953  -6.508  1.00 49.42  ? 13  C   B N3    1 
ATOM   572 C C4    . C   B 1 13 ? -11.573 -1.804  -6.348  1.00 58.01  ? 13  C   B C4    1 
ATOM   573 N N4    . C   B 1 13 ? -11.926 -1.462  -5.121  1.00 56.15  ? 13  C   B N4    1 
ATOM   574 C C5    . C   B 1 13 ? -11.844 -0.932  -7.439  1.00 56.95  ? 13  C   B C5    1 
ATOM   575 C C6    . C   B 1 13 ? -11.481 -1.340  -8.656  1.00 54.74  ? 13  C   B C6    1 
ATOM   576 P P     . G   B 1 14 ? -14.212 -4.842  -12.195 1.00 59.14  ? 14  G   B P     1 
ATOM   577 O OP1   . G   B 1 14 ? -14.529 -5.648  -13.419 1.00 54.40  ? 14  G   B OP1   1 
ATOM   578 O OP2   . G   B 1 14 ? -15.164 -3.903  -11.577 1.00 53.45  ? 14  G   B OP2   1 
ATOM   579 O "O5'" . G   B 1 14 ? -13.811 -5.845  -11.042 1.00 53.34  ? 14  G   B "O5'" 1 
ATOM   580 C "C5'" . G   B 1 14 ? -13.249 -7.096  -11.450 1.00 47.95  ? 14  G   B "C5'" 1 
ATOM   581 C "C4'" . G   B 1 14 ? -12.981 -7.948  -10.231 1.00 51.52  ? 14  G   B "C4'" 1 
ATOM   582 O "O4'" . G   B 1 14 ? -12.339 -7.124  -9.234  1.00 49.80  ? 14  G   B "O4'" 1 
ATOM   583 C "C3'" . G   B 1 14 ? -14.161 -8.532  -9.460  1.00 53.97  ? 14  G   B "C3'" 1 
ATOM   584 O "O3'" . G   B 1 14 ? -14.796 -9.702  -9.982  1.00 58.96  ? 14  G   B "O3'" 1 
ATOM   585 C "C2'" . G   B 1 14 ? -13.495 -8.873  -8.134  1.00 51.84  ? 14  G   B "C2'" 1 
ATOM   586 O "O2'" . G   B 1 14 ? -12.779 -10.081 -8.306  1.00 59.51  ? 14  G   B "O2'" 1 
ATOM   587 C "C1'" . G   B 1 14 ? -12.539 -7.689  -7.951  1.00 48.45  ? 14  G   B "C1'" 1 
ATOM   588 N N9    . G   B 1 14 ? -12.934 -6.621  -7.023  1.00 43.63  ? 14  G   B N9    1 
ATOM   589 C C8    . G   B 1 14 ? -13.521 -5.421  -7.352  1.00 45.36  ? 14  G   B C8    1 
ATOM   590 N N7    . G   B 1 14 ? -13.790 -4.681  -6.314  1.00 46.67  ? 14  G   B N7    1 
ATOM   591 C C5    . G   B 1 14 ? -13.394 -5.449  -5.227  1.00 47.06  ? 14  G   B C5    1 
ATOM   592 C C6    . G   B 1 14 ? -13.451 -5.172  -3.838  1.00 48.60  ? 14  G   B C6    1 
ATOM   593 O O6    . G   B 1 14 ? -13.844 -4.150  -3.264  1.00 39.85  ? 14  G   B O6    1 
ATOM   594 N N1    . G   B 1 14 ? -13.006 -6.245  -3.085  1.00 48.44  ? 14  G   B N1    1 
ATOM   595 C C2    . G   B 1 14 ? -12.521 -7.418  -3.595  1.00 47.31  ? 14  G   B C2    1 
ATOM   596 N N2    . G   B 1 14 ? -12.094 -8.306  -2.696  1.00 53.10  ? 14  G   B N2    1 
ATOM   597 N N3    . G   B 1 14 ? -12.431 -7.686  -4.894  1.00 47.93  ? 14  G   B N3    1 
ATOM   598 C C4    . G   B 1 14 ? -12.890 -6.663  -5.645  1.00 48.96  ? 14  G   B C4    1 
HETATM 599 P PA    . EQ1 C 2 .  ? -22.180 -7.104  -4.984  1.00 118.69 ? 101 EQ1 A PA    1 
HETATM 600 P PG    . EQ1 C 2 .  ? -18.112 -7.341  -7.821  1.00 97.06  ? 101 EQ1 A PG    1 
HETATM 601 C C1C   . EQ1 C 2 .  ? -20.231 -7.446  -6.405  1.00 109.72 ? 101 EQ1 A C1C   1 
HETATM 602 C C1D   . EQ1 C 2 .  ? -19.672 -8.334  -1.006  1.00 56.96  ? 101 EQ1 A C1D   1 
HETATM 603 C C1E   . EQ1 C 2 .  ? -15.811 -9.456  -4.270  1.00 70.78  ? 101 EQ1 A C1E   1 
HETATM 604 N N1A   . EQ1 C 2 .  ? -19.656 -4.140  1.883   1.00 48.45  ? 101 EQ1 A N1A   1 
HETATM 605 N N1B   . EQ1 C 2 .  ? -16.319 -6.205  -0.257  1.00 48.47  ? 101 EQ1 A N1B   1 
HETATM 606 N N1C   . EQ1 C 2 .  ? -20.969 -6.635  -5.686  1.00 113.94 ? 101 EQ1 A N1C   1 
HETATM 607 O O1A   . EQ1 C 2 .  ? -22.909 -8.239  -5.936  1.00 118.99 ? 101 EQ1 A O1A   1 
HETATM 608 O O1G   . EQ1 C 2 .  ? -16.889 -6.560  -7.923  1.00 98.01  ? 101 EQ1 A O1G   1 
HETATM 609 C C2A   . EQ1 C 2 .  ? -19.546 -5.494  2.236   1.00 44.37  ? 101 EQ1 A C2A   1 
HETATM 610 C C2B   . EQ1 C 2 .  ? -16.001 -7.539  -0.285  1.00 42.82  ? 101 EQ1 A C2B   1 
HETATM 611 C C2C   . EQ1 C 2 .  ? -19.375 -5.455  -6.446  1.00 104.27 ? 101 EQ1 A C2C   1 
HETATM 612 C C2D   . EQ1 C 2 .  ? -20.832 -9.039  -0.338  1.00 60.34  ? 101 EQ1 A C2D   1 
HETATM 613 C C2E   . EQ1 C 2 .  ? -16.980 -10.428 -3.749  1.00 73.88  ? 101 EQ1 A C2E   1 
HETATM 614 N N2A   . EQ1 C 2 .  ? -19.377 -5.898  3.527   1.00 44.53  ? 101 EQ1 A N2A   1 
HETATM 615 N N2B   . EQ1 C 2 .  ? -15.899 -8.228  0.882   1.00 48.84  ? 101 EQ1 A N2B   1 
HETATM 616 N N2C   . EQ1 C 2 .  ? -19.240 -6.728  -6.872  1.00 111.64 ? 101 EQ1 A N2C   1 
HETATM 617 O O2A   . EQ1 C 2 .  ? -23.057 -6.018  -4.471  1.00 91.06  ? 101 EQ1 A O2A   1 
HETATM 618 O O2D   . EQ1 C 2 .  ? -20.326 -10.372 0.013   1.00 62.54  ? 101 EQ1 A O2D   1 
HETATM 619 O O2E   . EQ1 C 2 .  ? -16.606 -11.813 -3.602  1.00 72.35  ? 101 EQ1 A O2E   1 
HETATM 620 O O2G   . EQ1 C 2 .  ? -18.486 -8.285  -8.896  1.00 120.61 ? 101 EQ1 A O2G   1 
HETATM 621 C C3C   . EQ1 C 2 .  ? -20.464 -5.395  -5.700  1.00 103.91 ? 101 EQ1 A C3C   1 
HETATM 622 C C3D   . EQ1 C 2 .  ? -21.793 -9.247  -1.427  1.00 69.05  ? 101 EQ1 A C3D   1 
HETATM 623 C C3E   . EQ1 C 2 .  ? -17.911 -10.379 -4.860  1.00 78.32  ? 101 EQ1 A C3E   1 
HETATM 624 N N3A   . EQ1 C 2 .  ? -19.554 -6.412  1.279   1.00 53.47  ? 101 EQ1 A N3A   1 
HETATM 625 N N3B   . EQ1 C 2 .  ? -15.934 -8.127  -1.473  1.00 51.84  ? 101 EQ1 A N3B   1 
HETATM 626 N N3C   . EQ1 C 2 .  ? -20.447 -8.755  -6.622  1.00 102.27 ? 101 EQ1 A N3C   1 
HETATM 627 O O3D   . EQ1 C 2 .  ? -22.660 -10.302 -1.114  1.00 80.01  ? 101 EQ1 A O3D   1 
HETATM 628 O O3E   . EQ1 C 2 .  ? -18.832 -11.504 -4.754  1.00 87.59  ? 101 EQ1 A O3E   1 
HETATM 629 C C4A   . EQ1 C 2 .  ? -19.730 -6.096  -0.018  1.00 49.60  ? 101 EQ1 A C4A   1 
HETATM 630 C C4B   . EQ1 C 2 .  ? -16.092 -7.499  -2.652  1.00 50.55  ? 101 EQ1 A C4B   1 
HETATM 631 C C4D   . EQ1 C 2 .  ? -20.822 -9.792  -2.517  1.00 73.29  ? 101 EQ1 A C4D   1 
HETATM 632 C C4E   . EQ1 C 2 .  ? -16.900 -10.512 -6.045  1.00 78.52  ? 101 EQ1 A C4E   1 
HETATM 633 O O4D   . EQ1 C 2 .  ? -19.574 -9.032  -2.339  1.00 60.97  ? 101 EQ1 A O4D   1 
HETATM 634 O O4E   . EQ1 C 2 .  ? -15.763 -9.700  -5.696  1.00 71.86  ? 101 EQ1 A O4E   1 
HETATM 635 C C5A   . EQ1 C 2 .  ? -19.784 -4.791  -0.367  1.00 40.80  ? 101 EQ1 A C5A   1 
HETATM 636 C C5B   . EQ1 C 2 .  ? -16.330 -6.176  -2.670  1.00 45.33  ? 101 EQ1 A C5B   1 
HETATM 637 C C5D   . EQ1 C 2 .  ? -21.304 -9.468  -3.881  1.00 81.71  ? 101 EQ1 A C5D   1 
HETATM 638 C C5E   . EQ1 C 2 .  ? -17.409 -9.861  -7.318  1.00 75.23  ? 101 EQ1 A C5E   1 
HETATM 639 O O5D   . EQ1 C 2 .  ? -21.757 -8.099  -3.772  1.00 95.92  ? 101 EQ1 A O5D   1 
HETATM 640 O O5E   . EQ1 C 2 .  ? -17.541 -8.510  -6.921  1.00 72.71  ? 101 EQ1 A O5E   1 
HETATM 641 C C6A   . EQ1 C 2 .  ? -19.760 -3.827  0.522   1.00 46.87  ? 101 EQ1 A C6A   1 
HETATM 642 C C6B   . EQ1 C 2 .  ? -16.422 -5.535  -1.474  1.00 49.13  ? 101 EQ1 A C6B   1 
HETATM 643 O O6A   . EQ1 C 2 .  ? -19.895 -2.619  0.217   1.00 42.53  ? 101 EQ1 A O6A   1 
HETATM 644 O O6B   . EQ1 C 2 .  ? -16.685 -4.348  -1.349  1.00 53.93  ? 101 EQ1 A O6B   1 
HETATM 645 N N7A   . EQ1 C 2 .  ? -19.998 -4.792  -1.691  1.00 51.88  ? 101 EQ1 A N7A   1 
HETATM 646 N N7B   . EQ1 C 2 .  ? -16.473 -5.837  -3.985  1.00 52.44  ? 101 EQ1 A N7B   1 
HETATM 647 C C8A   . EQ1 C 2 .  ? -19.909 -6.068  -2.138  1.00 51.29  ? 101 EQ1 A C8A   1 
HETATM 648 C C8B   . EQ1 C 2 .  ? -16.269 -6.919  -4.732  1.00 62.40  ? 101 EQ1 A C8B   1 
HETATM 649 N N9A   . EQ1 C 2 .  ? -19.803 -6.887  -1.093  1.00 50.83  ? 101 EQ1 A N9A   1 
HETATM 650 N N9B   . EQ1 C 2 .  ? -16.051 -7.975  -3.922  1.00 59.84  ? 101 EQ1 A N9B   1 
HETATM 651 P PA    . EQ1 D 2 .  ? 23.933  -0.505  4.899   1.00 110.21 ? 101 EQ1 B PA    1 
HETATM 652 P PG    . EQ1 D 2 .  ? 20.176  -1.943  8.112   1.00 90.73  ? 101 EQ1 B PG    1 
HETATM 653 C C1C   . EQ1 D 2 .  ? 22.026  -1.087  6.453   1.00 88.31  ? 101 EQ1 B C1C   1 
HETATM 654 C C1D   . EQ1 D 2 .  ? 21.287  -1.948  0.634   1.00 64.51  ? 101 EQ1 B C1D   1 
HETATM 655 C C1E   . EQ1 D 2 .  ? 18.052  -4.250  3.976   1.00 68.39  ? 101 EQ1 B C1E   1 
HETATM 656 N N1A   . EQ1 D 2 .  ? 20.236  2.251   -1.992  1.00 53.47  ? 101 EQ1 B N1A   1 
HETATM 657 N N1B   . EQ1 D 2 .  ? 17.495  -0.872  0.158   1.00 48.61  ? 101 EQ1 B N1B   1 
HETATM 658 N N1C   . EQ1 D 2 .  ? 23.247  -1.365  6.048   1.00 89.52  ? 101 EQ1 B N1C   1 
HETATM 659 O O1A   . EQ1 D 2 .  ? 25.507  -0.985  4.938   1.00 113.35 ? 101 EQ1 B O1A   1 
HETATM 660 O O1G   . EQ1 D 2 .  ? 19.307  -0.766  7.848   1.00 87.98  ? 101 EQ1 B O1G   1 
HETATM 661 C C2A   . EQ1 D 2 .  ? 20.472  0.984   -2.479  1.00 45.79  ? 101 EQ1 B C2A   1 
HETATM 662 C C2B   . EQ1 D 2 .  ? 17.636  -2.221  0.040   1.00 50.33  ? 101 EQ1 B C2B   1 
HETATM 663 C C2C   . EQ1 D 2 .  ? 22.736  -2.781  7.580   1.00 83.64  ? 101 EQ1 B C2C   1 
HETATM 664 C C2D   . EQ1 D 2 .  ? 22.514  -2.292  -0.252  1.00 71.35  ? 101 EQ1 B C2D   1 
HETATM 665 C C2E   . EQ1 D 2 .  ? 19.444  -4.714  3.453   1.00 74.68  ? 101 EQ1 B C2E   1 
HETATM 666 N N2A   . EQ1 D 2 .  ? 20.428  0.667   -3.791  1.00 43.04  ? 101 EQ1 B N2A   1 
HETATM 667 N N2B   . EQ1 D 2 .  ? 17.696  -2.716  -1.183  1.00 52.08  ? 101 EQ1 B N2B   1 
HETATM 668 N N2C   . EQ1 D 2 .  ? 21.697  -1.967  7.391   1.00 89.90  ? 101 EQ1 B N2C   1 
HETATM 669 O O2A   . EQ1 D 2 .  ? 23.589  0.990   4.826   1.00 78.01  ? 101 EQ1 B O2A   1 
HETATM 670 O O2D   . EQ1 D 2 .  ? 22.331  -3.567  -0.870  1.00 63.89  ? 101 EQ1 B O2D   1 
HETATM 671 O O2E   . EQ1 D 2 .  ? 19.447  -6.098  3.034   1.00 72.86  ? 101 EQ1 B O2E   1 
HETATM 672 O O2G   . EQ1 D 2 .  ? 19.927  -2.760  9.316   1.00 105.45 ? 101 EQ1 B O2G   1 
HETATM 673 C C3C   . EQ1 D 2 .  ? 23.693  -2.416  6.736   1.00 88.86  ? 101 EQ1 B C3C   1 
HETATM 674 C C3D   . EQ1 D 2 .  ? 23.666  -2.465  0.676   1.00 76.25  ? 101 EQ1 B C3D   1 
HETATM 675 C C3E   . EQ1 D 2 .  ? 20.275  -4.508  4.681   1.00 80.78  ? 101 EQ1 B C3E   1 
HETATM 676 N N3A   . EQ1 D 2 .  ? 20.699  0.027   -1.604  1.00 41.56  ? 101 EQ1 B N3A   1 
HETATM 677 N N3B   . EQ1 D 2 .  ? 17.802  -2.919  1.183   1.00 51.50  ? 101 EQ1 B N3B   1 
HETATM 678 N N3C   . EQ1 D 2 .  ? 21.244  -0.092  5.983   1.00 71.66  ? 101 EQ1 B N3C   1 
HETATM 679 O O3D   . EQ1 D 2 .  ? 24.539  -3.488  0.164   1.00 74.78  ? 101 EQ1 B O3D   1 
HETATM 680 O O3E   . EQ1 D 2 .  ? 21.466  -5.328  4.616   1.00 86.19  ? 101 EQ1 B O3E   1 
HETATM 681 C C4A   . EQ1 D 2 .  ? 20.768  0.276   -0.261  1.00 43.13  ? 101 EQ1 B C4A   1 
HETATM 682 C C4B   . EQ1 D 2 .  ? 17.742  -2.333  2.419   1.00 52.07  ? 101 EQ1 B C4B   1 
HETATM 683 C C4D   . EQ1 D 2 .  ? 23.000  -3.007  1.972   1.00 78.76  ? 101 EQ1 B C4D   1 
HETATM 684 C C4E   . EQ1 D 2 .  ? 19.301  -4.998  5.790   1.00 83.71  ? 101 EQ1 B C4E   1 
HETATM 685 O O4D   . EQ1 D 2 .  ? 21.622  -2.441  1.987   1.00 66.67  ? 101 EQ1 B O4D   1 
HETATM 686 O O4E   . EQ1 D 2 .  ? 18.014  -4.480  5.400   1.00 69.51  ? 101 EQ1 B O4E   1 
HETATM 687 C C5A   . EQ1 D 2 .  ? 20.511  1.518   0.208   1.00 50.62  ? 101 EQ1 B C5A   1 
HETATM 688 C C5B   . EQ1 D 2 .  ? 17.541  -1.015  2.524   1.00 44.51  ? 101 EQ1 B C5B   1 
HETATM 689 C C5D   . EQ1 D 2 .  ? 23.915  -2.637  3.142   1.00 84.16  ? 101 EQ1 B C5D   1 
HETATM 690 C C5E   . EQ1 D 2 .  ? 19.700  -4.467  7.171   1.00 80.12  ? 101 EQ1 B C5E   1 
HETATM 691 O O5D   . EQ1 D 2 .  ? 23.633  -1.235  3.438   1.00 91.45  ? 101 EQ1 B O5D   1 
HETATM 692 O O5E   . EQ1 D 2 .  ? 19.441  -3.062  7.127   1.00 83.40  ? 101 EQ1 B O5E   1 
HETATM 693 C C6A   . EQ1 D 2 .  ? 20.248  2.488   -0.618  1.00 48.15  ? 101 EQ1 B C6A   1 
HETATM 694 C C6B   . EQ1 D 2 .  ? 17.435  -0.306  1.392   1.00 50.66  ? 101 EQ1 B C6B   1 
HETATM 695 O O6A   . EQ1 D 2 .  ? 20.073  3.659   -0.183  1.00 53.38  ? 101 EQ1 B O6A   1 
HETATM 696 O O6B   . EQ1 D 2 .  ? 17.306  0.898   1.383   1.00 49.91  ? 101 EQ1 B O6B   1 
HETATM 697 N N7A   . EQ1 D 2 .  ? 20.623  1.544   1.524   1.00 48.98  ? 101 EQ1 B N7A   1 
HETATM 698 N N7B   . EQ1 D 2 .  ? 17.597  -0.703  3.835   1.00 41.45  ? 101 EQ1 B N7B   1 
HETATM 699 C C8A   . EQ1 D 2 .  ? 20.890  0.240   1.881   1.00 48.60  ? 101 EQ1 B C8A   1 
HETATM 700 C C8B   . EQ1 D 2 .  ? 17.726  -1.807  4.563   1.00 51.84  ? 101 EQ1 B C8B   1 
HETATM 701 N N9A   . EQ1 D 2 .  ? 20.992  -0.516  0.778   1.00 54.06  ? 101 EQ1 B N9A   1 
HETATM 702 N N9B   . EQ1 D 2 .  ? 17.839  -2.823  3.696   1.00 53.90  ? 101 EQ1 B N9B   1 
HETATM 703 O O     . HOH E 3 .  ? -20.705 -5.801  6.779   0.50 31.37  ? 201 HOH A O     1 
HETATM 704 O O     . HOH E 3 .  ? 5.602   5.838   -0.524  1.00 56.67  ? 202 HOH A O     1 
HETATM 705 O O     . HOH E 3 .  ? -24.638 -14.235 -5.402  0.33 19.75  ? 203 HOH A O     1 
HETATM 706 O O     . HOH F 3 .  ? 21.839  1.531   -7.020  0.50 37.91  ? 201 HOH B O     1 
# 
